data_8JNO
#
_entry.id   8JNO
#
_cell.length_a   92.032
_cell.length_b   82.178
_cell.length_c   144.422
_cell.angle_alpha   90.00
_cell.angle_beta   94.32
_cell.angle_gamma   90.00
#
_symmetry.space_group_name_H-M   'I 1 2 1'
#
loop_
_entity.id
_entity.type
_entity.pdbx_description
1 polymer 'Cytochrome P450'
2 non-polymer 'PROTOPORPHYRIN IX CONTAINING FE'
3 non-polymer (1Z,3E,5S,7S,8R,9S,10S,11R,13R,15R,16S,18Z,25S)-11-ethyl-2,7-dihydroxy-10-methyl-21,26-diazapentacyclo[23.2.1.09,13.08,15.05,16]octacosa-1(2),3,18-triene-20,27,28-trione
4 non-polymer 'SODIUM ION'
5 water water
#
_entity_poly.entity_id   1
_entity_poly.type   'polypeptide(L)'
_entity_poly.pdbx_seq_one_letter_code
;MPGQQEQQAPSEHPEQQELLTFPFASTGLEFPPVYHELYQQRLTKVRLPYGDDAYLAIRYADVKTVLSDSRFSIVASLGQ
DQPRTRAGARVGNGLFSLDPPQHSRLRSVLGRDFTPRRVEKLRERVRELTDQCLDRMEAAGSPADLVAHLAVPMPTAVVC
EMMGVPEPDHHLFWGWAETILSNDTTPDDLIRRYQEFTAYMGAMVEERRARPTDDMFGMLVRACDEEGRITEIEMHALAS
DLLSAGFVSTAHQIANFTAMLLARPERLQPLVDKPEQIPAAVEELMRHVPILSGFSFPRYATEDLEMSGVTVRRGEAVIP
VIAAANRDPDVYPDAGRLDLERNGLPHLGFGQGPHFCIGAHLARVELQVVLEALTERFPDLRFGIPENALKWKRGHFMNG
LHELPVAW
;
_entity_poly.pdbx_strand_id   A,B
#
loop_
_chem_comp.id
_chem_comp.type
_chem_comp.name
_chem_comp.formula
E8T non-polymer (1Z,3E,5S,7S,8R,9S,10S,11R,13R,15R,16S,18Z,25S)-11-ethyl-2,7-dihydroxy-10-methyl-21,26-diazapentacyclo[23.2.1.09,13.08,15.05,16]octacosa-1(2),3,18-triene-20,27,28-trione 'C29 H40 N2 O5'
HEM non-polymer 'PROTOPORPHYRIN IX CONTAINING FE' 'C34 H32 Fe N4 O4'
NA non-polymer 'SODIUM ION' 'Na 1'
#
# COMPACT_ATOMS: atom_id res chain seq x y z
N GLU A 18 -23.60 22.41 17.71
CA GLU A 18 -22.91 21.47 18.60
C GLU A 18 -22.53 20.20 17.79
N LEU A 19 -21.31 19.71 18.00
CA LEU A 19 -20.75 18.70 17.11
C LEU A 19 -20.85 17.28 17.68
N LEU A 20 -20.94 16.32 16.77
CA LEU A 20 -20.79 14.90 17.10
C LEU A 20 -19.50 14.65 17.85
N THR A 21 -19.59 13.89 18.95
CA THR A 21 -18.41 13.54 19.73
C THR A 21 -17.72 12.30 19.16
N PHE A 22 -16.39 12.27 19.24
CA PHE A 22 -15.57 11.20 18.70
C PHE A 22 -14.47 11.07 19.72
N PRO A 23 -14.09 9.86 20.10
CA PRO A 23 -14.54 8.60 19.47
C PRO A 23 -15.95 8.19 19.82
N PHE A 24 -16.47 7.20 19.09
CA PHE A 24 -17.85 6.75 19.25
C PHE A 24 -17.94 5.67 20.31
N ALA A 25 -19.15 5.44 20.78
CA ALA A 25 -19.37 4.42 21.79
C ALA A 25 -19.23 3.03 21.17
N SER A 26 -18.48 2.18 21.85
CA SER A 26 -18.41 0.78 21.47
C SER A 26 -17.69 0.06 22.58
N THR A 27 -17.80 -1.25 22.56
CA THR A 27 -17.14 -2.06 23.57
C THR A 27 -16.44 -3.23 22.90
N GLY A 28 -15.33 -3.62 23.49
CA GLY A 28 -14.53 -4.70 22.92
C GLY A 28 -14.08 -4.29 21.53
N LEU A 29 -14.26 -5.22 20.59
CA LEU A 29 -13.81 -5.02 19.23
C LEU A 29 -14.96 -4.61 18.34
N GLU A 30 -16.06 -4.20 18.95
CA GLU A 30 -17.22 -3.71 18.22
C GLU A 30 -16.82 -2.62 17.25
N PHE A 31 -17.40 -2.67 16.07
CA PHE A 31 -17.39 -1.58 15.11
C PHE A 31 -18.80 -1.03 15.03
N PRO A 32 -19.04 0.17 15.54
CA PRO A 32 -20.42 0.57 15.81
C PRO A 32 -21.11 1.05 14.55
N PRO A 33 -22.44 1.01 14.54
CA PRO A 33 -23.17 1.27 13.29
C PRO A 33 -23.14 2.70 12.83
N VAL A 34 -22.73 3.64 13.68
CA VAL A 34 -22.73 5.04 13.24
C VAL A 34 -21.86 5.17 11.98
N TYR A 35 -20.80 4.37 11.86
CA TYR A 35 -19.99 4.38 10.65
C TYR A 35 -20.82 4.13 9.40
N HIS A 36 -21.78 3.19 9.46
CA HIS A 36 -22.56 2.90 8.26
C HIS A 36 -23.33 4.12 7.79
N GLU A 37 -23.67 5.01 8.72
CA GLU A 37 -24.35 6.26 8.40
C GLU A 37 -23.37 7.28 7.82
N LEU A 38 -22.20 7.39 8.43
CA LEU A 38 -21.24 8.39 8.00
C LEU A 38 -20.66 8.06 6.62
N TYR A 39 -20.48 6.78 6.28
CA TYR A 39 -19.85 6.49 4.99
C TYR A 39 -20.65 7.11 3.87
N GLN A 40 -21.96 7.27 4.07
CA GLN A 40 -22.84 7.82 3.06
C GLN A 40 -22.95 9.35 3.07
N GLN A 41 -22.25 10.02 3.98
CA GLN A 41 -22.43 11.47 4.14
C GLN A 41 -21.13 12.21 3.83
N ARG A 42 -21.24 13.52 3.72
CA ARG A 42 -20.04 14.31 3.49
C ARG A 42 -19.13 14.23 4.71
N LEU A 43 -17.88 14.66 4.53
CA LEU A 43 -16.92 14.72 5.62
C LEU A 43 -17.52 15.44 6.80
N THR A 44 -17.38 14.84 7.98
CA THR A 44 -18.05 15.32 9.18
C THR A 44 -17.05 15.86 10.21
N LYS A 45 -17.39 16.99 10.82
CA LYS A 45 -16.59 17.59 11.86
C LYS A 45 -17.04 17.05 13.21
N VAL A 46 -16.08 16.72 14.07
CA VAL A 46 -16.35 16.18 15.39
C VAL A 46 -15.57 16.96 16.43
N ARG A 47 -16.06 16.89 17.67
CA ARG A 47 -15.33 17.36 18.83
C ARG A 47 -14.74 16.16 19.55
N LEU A 48 -13.54 16.35 20.08
CA LEU A 48 -12.72 15.30 20.66
C LEU A 48 -12.59 15.51 22.14
N PRO A 49 -12.06 14.50 22.87
CA PRO A 49 -11.89 14.67 24.32
C PRO A 49 -11.06 15.89 24.70
N TYR A 50 -10.00 16.16 23.94
CA TYR A 50 -9.12 17.30 24.17
C TYR A 50 -8.69 17.93 22.84
N GLY A 51 -8.40 19.22 22.91
CA GLY A 51 -7.87 19.95 21.78
C GLY A 51 -8.98 20.41 20.85
N ASP A 52 -8.54 20.86 19.68
CA ASP A 52 -9.47 21.45 18.73
C ASP A 52 -10.33 20.38 18.08
N ASP A 53 -11.43 20.82 17.48
CA ASP A 53 -12.25 19.99 16.64
C ASP A 53 -11.48 19.52 15.41
N ALA A 54 -12.01 18.50 14.75
CA ALA A 54 -11.36 18.00 13.55
C ALA A 54 -12.40 17.31 12.67
N TYR A 55 -12.05 17.16 11.41
CA TYR A 55 -12.86 16.32 10.57
C TYR A 55 -12.43 14.88 10.72
N LEU A 56 -13.36 13.98 10.39
CA LEU A 56 -13.20 12.55 10.49
C LEU A 56 -13.06 11.98 9.09
N ALA A 57 -11.84 11.58 8.72
CA ALA A 57 -11.64 10.84 7.47
C ALA A 57 -12.00 9.41 7.74
N ILE A 58 -13.01 8.90 7.02
CA ILE A 58 -13.42 7.50 7.20
C ILE A 58 -13.38 6.70 5.90
N ARG A 59 -13.54 7.37 4.76
CA ARG A 59 -13.46 6.63 3.51
C ARG A 59 -12.02 6.18 3.25
N TYR A 60 -11.87 4.99 2.69
CA TYR A 60 -10.56 4.42 2.42
C TYR A 60 -9.66 5.42 1.70
N ALA A 61 -10.19 6.05 0.64
CA ALA A 61 -9.39 6.96 -0.15
C ALA A 61 -9.01 8.20 0.65
N ASP A 62 -9.88 8.61 1.56
CA ASP A 62 -9.62 9.83 2.32
C ASP A 62 -8.61 9.58 3.43
N VAL A 63 -8.69 8.45 4.11
CA VAL A 63 -7.71 8.09 5.13
C VAL A 63 -6.33 7.95 4.50
N LYS A 64 -6.27 7.30 3.33
CA LYS A 64 -5.03 7.22 2.59
C LYS A 64 -4.50 8.61 2.26
N THR A 65 -5.40 9.51 1.86
CA THR A 65 -4.93 10.84 1.53
C THR A 65 -4.33 11.53 2.76
N VAL A 66 -5.03 11.44 3.90
CA VAL A 66 -4.56 12.12 5.12
C VAL A 66 -3.17 11.62 5.49
N LEU A 67 -2.93 10.31 5.35
CA LEU A 67 -1.72 9.72 5.84
C LEU A 67 -0.54 9.90 4.89
N SER A 68 -0.78 10.21 3.62
CA SER A 68 0.31 10.19 2.65
C SER A 68 0.43 11.40 1.74
N ASP A 69 -0.53 12.31 1.73
CA ASP A 69 -0.43 13.49 0.87
C ASP A 69 0.39 14.57 1.59
N SER A 70 1.34 15.19 0.89
CA SER A 70 2.18 16.17 1.60
C SER A 70 1.40 17.41 2.03
N ARG A 71 0.17 17.59 1.53
CA ARG A 71 -0.68 18.70 1.98
C ARG A 71 -1.29 18.46 3.36
N PHE A 72 -0.89 17.37 3.99
CA PHE A 72 -1.34 17.06 5.32
C PHE A 72 -0.11 16.90 6.19
N SER A 73 0.02 17.79 7.15
CA SER A 73 1.18 17.81 8.01
C SER A 73 0.82 17.24 9.37
N ILE A 74 1.75 16.50 9.96
CA ILE A 74 1.56 15.99 11.33
C ILE A 74 1.93 17.00 12.41
N VAL A 75 2.38 18.18 12.02
CA VAL A 75 2.87 19.21 12.92
C VAL A 75 1.87 20.35 12.99
N ALA A 76 1.51 20.76 14.19
CA ALA A 76 0.61 21.89 14.41
C ALA A 76 1.45 23.17 14.36
N SER A 77 1.81 23.61 13.17
CA SER A 77 2.67 24.77 13.01
C SER A 77 1.90 26.08 12.94
N LEU A 78 0.59 26.04 13.23
CA LEU A 78 -0.28 27.19 13.12
C LEU A 78 -1.04 27.44 14.42
N GLY A 79 -0.45 27.06 15.55
CA GLY A 79 -1.07 27.30 16.84
C GLY A 79 -2.21 26.37 17.19
N GLN A 80 -2.36 25.24 16.50
CA GLN A 80 -3.47 24.34 16.83
C GLN A 80 -3.22 23.61 18.15
N ASP A 81 -4.32 23.28 18.83
CA ASP A 81 -4.33 22.48 20.04
C ASP A 81 -4.73 21.06 19.64
N GLN A 82 -3.78 20.15 19.65
CA GLN A 82 -3.86 18.84 19.02
C GLN A 82 -5.13 18.07 19.41
N PRO A 83 -6.00 17.74 18.46
CA PRO A 83 -7.12 16.86 18.78
C PRO A 83 -6.60 15.53 19.30
N ARG A 84 -7.16 15.09 20.42
CA ARG A 84 -6.59 13.93 21.11
C ARG A 84 -7.58 13.36 22.12
N THR A 85 -7.23 12.17 22.64
CA THR A 85 -7.92 11.50 23.72
C THR A 85 -7.17 11.60 25.04
N ARG A 86 -5.89 12.00 25.01
CA ARG A 86 -5.06 12.09 26.19
C ARG A 86 -4.93 13.53 26.69
N ALA A 87 -4.94 13.70 28.01
CA ALA A 87 -4.94 15.04 28.60
C ALA A 87 -3.71 15.82 28.16
N GLY A 88 -2.52 15.20 28.25
CA GLY A 88 -1.28 15.84 27.80
C GLY A 88 -1.07 15.65 26.31
N ALA A 89 -0.76 16.74 25.62
CA ALA A 89 -0.53 16.67 24.18
C ALA A 89 0.65 15.77 23.86
N ARG A 90 0.55 15.12 22.72
CA ARG A 90 1.54 14.16 22.28
C ARG A 90 2.65 14.95 21.60
N VAL A 91 3.79 15.12 22.26
CA VAL A 91 4.87 15.93 21.69
C VAL A 91 6.25 15.41 22.10
N GLY A 92 7.19 15.56 21.19
CA GLY A 92 8.53 15.11 21.45
C GLY A 92 9.39 15.33 20.23
N ASN A 93 10.48 14.57 20.19
CA ASN A 93 11.54 14.73 19.20
C ASN A 93 11.76 13.53 18.31
N GLY A 94 10.81 12.59 18.29
CA GLY A 94 10.95 11.42 17.45
C GLY A 94 10.07 11.42 16.22
N LEU A 95 9.71 10.22 15.73
CA LEU A 95 9.28 10.12 14.34
C LEU A 95 7.90 10.75 14.12
N PHE A 96 7.02 10.65 15.10
CA PHE A 96 5.69 11.27 15.01
C PHE A 96 5.73 12.79 15.13
N SER A 97 6.86 13.42 15.35
CA SER A 97 6.93 14.87 15.48
C SER A 97 7.37 15.56 14.21
N LEU A 98 7.63 14.81 13.14
CA LEU A 98 8.28 15.31 11.95
C LEU A 98 7.51 14.99 10.69
N ASP A 99 7.57 15.95 9.73
CA ASP A 99 7.21 15.72 8.35
C ASP A 99 8.45 15.43 7.49
N PRO A 100 8.28 14.79 6.34
CA PRO A 100 9.36 14.75 5.36
C PRO A 100 9.78 16.17 4.99
N PRO A 101 11.06 16.42 4.76
CA PRO A 101 12.10 15.38 4.75
C PRO A 101 12.86 15.16 6.04
N GLN A 102 12.67 16.05 7.01
CA GLN A 102 13.28 15.79 8.31
C GLN A 102 12.85 14.41 8.82
N HIS A 103 11.56 14.07 8.69
CA HIS A 103 11.17 12.76 9.16
C HIS A 103 12.02 11.70 8.48
N SER A 104 12.11 11.76 7.16
CA SER A 104 12.78 10.70 6.38
C SER A 104 14.23 10.52 6.77
N ARG A 105 14.93 11.62 7.12
CA ARG A 105 16.35 11.55 7.50
C ARG A 105 16.50 10.85 8.83
N LEU A 106 15.61 11.14 9.78
CA LEU A 106 15.70 10.49 11.08
C LEU A 106 15.35 9.01 11.00
N ARG A 107 14.27 8.68 10.32
CA ARG A 107 13.90 7.29 10.19
C ARG A 107 15.01 6.47 9.54
N SER A 108 15.64 7.01 8.52
CA SER A 108 16.63 6.23 7.79
C SER A 108 17.74 5.71 8.70
N VAL A 109 17.90 6.26 9.90
CA VAL A 109 18.87 5.66 10.81
C VAL A 109 18.44 4.28 11.27
N LEU A 110 17.12 4.07 11.47
CA LEU A 110 16.57 2.75 11.78
C LEU A 110 16.27 1.89 10.56
N GLY A 111 16.10 2.52 9.40
CA GLY A 111 15.59 1.89 8.21
C GLY A 111 16.05 0.48 8.00
N ARG A 112 17.38 0.34 7.88
CA ARG A 112 17.99 -0.94 7.54
C ARG A 112 17.64 -2.04 8.52
N ASP A 113 17.23 -1.71 9.74
CA ASP A 113 17.02 -2.76 10.73
C ASP A 113 15.62 -3.36 10.65
N PHE A 114 14.76 -2.78 9.80
CA PHE A 114 13.36 -3.18 9.75
C PHE A 114 12.86 -3.56 8.34
N THR A 115 13.74 -3.68 7.38
CA THR A 115 13.32 -4.16 6.08
C THR A 115 12.92 -5.63 6.15
N PRO A 116 12.11 -6.10 5.20
CA PRO A 116 11.80 -7.54 5.20
C PRO A 116 13.07 -8.43 5.19
N ARG A 117 14.15 -8.02 4.52
CA ARG A 117 15.32 -8.91 4.45
C ARG A 117 15.99 -9.08 5.82
N ARG A 118 16.00 -8.05 6.66
CA ARG A 118 16.53 -8.19 8.02
C ARG A 118 15.55 -8.89 8.96
N VAL A 119 14.26 -8.54 8.89
CA VAL A 119 13.27 -9.10 9.81
C VAL A 119 13.01 -10.58 9.55
N GLU A 120 13.06 -11.00 8.28
CA GLU A 120 12.85 -12.42 8.00
C GLU A 120 13.91 -13.27 8.74
N LYS A 121 15.06 -12.67 9.07
CA LYS A 121 16.10 -13.39 9.81
C LYS A 121 15.69 -13.68 11.24
N LEU A 122 14.67 -13.00 11.75
CA LEU A 122 14.24 -13.16 13.13
C LEU A 122 13.15 -14.23 13.33
N ARG A 123 12.68 -14.88 12.27
CA ARG A 123 11.60 -15.86 12.41
C ARG A 123 11.98 -16.95 13.42
N GLU A 124 13.18 -17.49 13.30
CA GLU A 124 13.58 -18.55 14.20
C GLU A 124 13.51 -18.10 15.65
N ARG A 125 14.07 -16.91 15.93
CA ARG A 125 14.09 -16.45 17.31
C ARG A 125 12.67 -16.20 17.80
N VAL A 126 11.83 -15.57 16.98
CA VAL A 126 10.47 -15.26 17.41
C VAL A 126 9.74 -16.56 17.78
N ARG A 127 9.93 -17.59 16.97
CA ARG A 127 9.37 -18.90 17.29
C ARG A 127 9.96 -19.49 18.56
N GLU A 128 11.27 -19.39 18.75
CA GLU A 128 11.89 -19.94 19.97
C GLU A 128 11.24 -19.35 21.21
N LEU A 129 11.09 -18.03 21.25
CA LEU A 129 10.47 -17.37 22.39
C LEU A 129 9.01 -17.75 22.50
N THR A 130 8.30 -17.77 21.37
CA THR A 130 6.91 -18.24 21.40
C THR A 130 6.83 -19.64 22.01
N ASP A 131 7.72 -20.53 21.63
CA ASP A 131 7.70 -21.90 22.18
C ASP A 131 8.01 -21.89 23.67
N GLN A 132 8.99 -21.09 24.09
CA GLN A 132 9.24 -20.97 25.52
C GLN A 132 8.03 -20.42 26.26
N CYS A 133 7.32 -19.45 25.66
CA CYS A 133 6.10 -18.95 26.31
C CYS A 133 5.05 -20.04 26.44
N LEU A 134 4.78 -20.76 25.35
CA LEU A 134 3.78 -21.81 25.39
C LEU A 134 4.21 -22.96 26.31
N ASP A 135 5.51 -23.18 26.53
CA ASP A 135 5.91 -24.21 27.48
C ASP A 135 5.46 -23.85 28.90
N ARG A 136 5.73 -22.60 29.29
CA ARG A 136 5.33 -22.14 30.59
C ARG A 136 3.82 -22.10 30.72
N MET A 137 3.12 -21.74 29.65
CA MET A 137 1.66 -21.72 29.72
C MET A 137 1.13 -23.12 29.92
N GLU A 138 1.62 -24.07 29.14
CA GLU A 138 1.16 -25.44 29.29
C GLU A 138 1.53 -25.99 30.67
N ALA A 139 2.73 -25.65 31.15
CA ALA A 139 3.12 -26.11 32.48
C ALA A 139 2.16 -25.60 33.55
N ALA A 140 1.63 -24.39 33.37
CA ALA A 140 0.71 -23.81 34.33
C ALA A 140 -0.62 -24.57 34.36
N GLY A 141 -1.03 -25.13 33.24
CA GLY A 141 -2.22 -25.96 33.24
C GLY A 141 -3.43 -25.25 32.69
N SER A 142 -4.33 -26.01 32.10
CA SER A 142 -5.56 -25.51 31.51
C SER A 142 -6.58 -25.31 32.61
N PRO A 143 -7.33 -24.18 32.61
CA PRO A 143 -7.28 -23.04 31.68
C PRO A 143 -6.26 -22.02 32.13
N ALA A 144 -5.57 -21.39 31.19
CA ALA A 144 -4.49 -20.44 31.49
C ALA A 144 -4.64 -19.14 30.70
N ASP A 145 -4.11 -18.06 31.27
CA ASP A 145 -4.24 -16.73 30.68
C ASP A 145 -3.22 -16.59 29.55
N LEU A 146 -3.71 -16.53 28.31
CA LEU A 146 -2.82 -16.36 27.17
C LEU A 146 -2.14 -14.99 27.16
N VAL A 147 -2.76 -13.99 27.79
CA VAL A 147 -2.20 -12.64 27.85
C VAL A 147 -0.91 -12.65 28.64
N ALA A 148 -0.98 -13.12 29.91
CA ALA A 148 0.22 -13.09 30.75
C ALA A 148 1.31 -14.08 30.28
N HIS A 149 0.92 -15.21 29.73
CA HIS A 149 1.92 -16.19 29.35
C HIS A 149 2.53 -15.99 27.97
N LEU A 150 1.84 -15.30 27.05
CA LEU A 150 2.39 -15.18 25.69
C LEU A 150 2.32 -13.75 25.14
N ALA A 151 1.12 -13.15 25.12
CA ALA A 151 0.94 -11.89 24.42
C ALA A 151 1.84 -10.82 24.99
N VAL A 152 2.04 -10.83 26.31
CA VAL A 152 2.92 -9.83 26.92
C VAL A 152 4.38 -10.23 26.79
N PRO A 153 4.77 -11.43 27.22
CA PRO A 153 6.21 -11.69 27.26
C PRO A 153 6.87 -11.80 25.90
N MET A 154 6.25 -12.48 24.92
CA MET A 154 7.00 -12.73 23.67
C MET A 154 7.35 -11.45 22.92
N PRO A 155 6.40 -10.58 22.59
CA PRO A 155 6.76 -9.35 21.87
C PRO A 155 7.67 -8.41 22.69
N THR A 156 7.61 -8.48 24.01
CA THR A 156 8.49 -7.63 24.82
C THR A 156 9.91 -8.10 24.69
N ALA A 157 10.11 -9.41 24.84
CA ALA A 157 11.42 -10.02 24.66
C ALA A 157 12.00 -9.75 23.28
N VAL A 158 11.18 -9.88 22.23
CA VAL A 158 11.72 -9.74 20.87
C VAL A 158 12.34 -8.36 20.70
N VAL A 159 11.61 -7.30 21.04
CA VAL A 159 12.18 -5.99 20.76
C VAL A 159 13.21 -5.60 21.82
N CYS A 160 13.09 -6.11 23.06
CA CYS A 160 14.08 -5.77 24.07
C CYS A 160 15.42 -6.42 23.76
N GLU A 161 15.42 -7.64 23.22
CA GLU A 161 16.63 -8.28 22.76
C GLU A 161 17.23 -7.57 21.53
N MET A 162 16.39 -7.18 20.57
CA MET A 162 16.89 -6.43 19.44
C MET A 162 17.64 -5.18 19.91
N MET A 163 17.04 -4.45 20.85
CA MET A 163 17.60 -3.16 21.27
C MET A 163 18.81 -3.33 22.16
N GLY A 164 18.78 -4.33 23.02
CA GLY A 164 19.79 -4.53 24.04
C GLY A 164 19.35 -4.29 25.47
N VAL A 165 18.05 -4.32 25.74
CA VAL A 165 17.55 -4.20 27.11
C VAL A 165 17.48 -5.57 27.77
N PRO A 166 18.03 -5.75 28.97
CA PRO A 166 17.96 -7.06 29.62
C PRO A 166 16.59 -7.41 30.16
N GLU A 167 16.32 -8.73 30.23
CA GLU A 167 15.01 -9.20 30.67
C GLU A 167 14.64 -8.62 32.02
N PRO A 168 15.57 -8.41 32.95
CA PRO A 168 15.17 -7.88 34.26
C PRO A 168 14.60 -6.47 34.18
N ASP A 169 14.85 -5.74 33.10
CA ASP A 169 14.38 -4.38 32.94
C ASP A 169 13.08 -4.27 32.16
N HIS A 170 12.54 -5.38 31.66
CA HIS A 170 11.36 -5.30 30.80
C HIS A 170 10.22 -4.54 31.46
N HIS A 171 10.02 -4.76 32.76
CA HIS A 171 8.87 -4.16 33.44
C HIS A 171 8.93 -2.65 33.42
N LEU A 172 10.13 -2.06 33.33
CA LEU A 172 10.24 -0.60 33.32
C LEU A 172 9.68 -0.03 32.03
N PHE A 173 9.96 -0.71 30.91
CA PHE A 173 9.45 -0.26 29.63
C PHE A 173 7.95 -0.47 29.52
N TRP A 174 7.42 -1.55 30.12
CA TRP A 174 5.97 -1.71 30.19
C TRP A 174 5.33 -0.53 30.89
N GLY A 175 5.94 -0.07 31.98
CA GLY A 175 5.38 1.05 32.72
C GLY A 175 5.42 2.34 31.93
N TRP A 176 6.56 2.62 31.31
CA TRP A 176 6.67 3.84 30.53
C TRP A 176 5.71 3.83 29.34
N ALA A 177 5.57 2.67 28.70
CA ALA A 177 4.67 2.57 27.55
C ALA A 177 3.22 2.71 27.99
N GLU A 178 2.87 2.16 29.15
CA GLU A 178 1.50 2.33 29.61
C GLU A 178 1.19 3.80 29.83
N THR A 179 2.12 4.56 30.41
CA THR A 179 1.80 5.95 30.69
C THR A 179 1.50 6.70 29.38
N ILE A 180 2.34 6.50 28.36
CA ILE A 180 2.06 7.09 27.06
C ILE A 180 0.65 6.72 26.59
N LEU A 181 0.28 5.48 26.80
CA LEU A 181 -0.92 4.92 26.18
C LEU A 181 -2.16 5.02 27.06
N SER A 182 -2.08 5.68 28.22
CA SER A 182 -3.25 5.84 29.07
C SER A 182 -3.85 7.21 28.85
N ASN A 183 -5.17 7.27 28.77
CA ASN A 183 -5.85 8.51 28.44
C ASN A 183 -5.92 9.50 29.60
N ASP A 184 -5.61 9.10 30.83
CA ASP A 184 -5.65 9.99 31.98
C ASP A 184 -4.27 10.49 32.33
N THR A 185 -3.28 10.31 31.44
CA THR A 185 -1.92 10.79 31.66
C THR A 185 -1.84 12.31 31.48
N THR A 186 -1.23 13.01 32.43
CA THR A 186 -1.07 14.46 32.39
C THR A 186 0.27 14.85 31.83
N PRO A 187 0.45 16.14 31.52
CA PRO A 187 1.82 16.61 31.22
C PRO A 187 2.81 16.18 32.29
N ASP A 188 2.44 16.31 33.56
CA ASP A 188 3.36 15.95 34.64
C ASP A 188 3.68 14.46 34.63
N ASP A 189 2.68 13.61 34.38
CA ASP A 189 2.95 12.19 34.24
C ASP A 189 3.98 11.98 33.15
N LEU A 190 3.84 12.72 32.04
CA LEU A 190 4.75 12.58 30.90
C LEU A 190 6.14 13.11 31.22
N ILE A 191 6.21 14.18 32.02
CA ILE A 191 7.53 14.66 32.44
C ILE A 191 8.24 13.59 33.25
N ARG A 192 7.53 12.93 34.17
CA ARG A 192 8.14 11.87 34.97
C ARG A 192 8.67 10.74 34.08
N ARG A 193 7.81 10.20 33.20
CA ARG A 193 8.29 9.20 32.26
C ARG A 193 9.55 9.70 31.58
N TYR A 194 9.52 10.90 31.03
CA TYR A 194 10.69 11.40 30.32
C TYR A 194 11.95 11.40 31.20
N GLN A 195 11.83 11.85 32.46
CA GLN A 195 13.00 11.89 33.32
C GLN A 195 13.50 10.48 33.60
N GLU A 196 12.58 9.60 33.97
CA GLU A 196 12.97 8.21 34.24
C GLU A 196 13.64 7.59 33.03
N PHE A 197 13.01 7.78 31.86
CA PHE A 197 13.48 7.12 30.66
C PHE A 197 14.83 7.66 30.24
N THR A 198 14.96 8.99 30.20
CA THR A 198 16.21 9.62 29.78
C THR A 198 17.36 9.21 30.69
N ALA A 199 17.11 9.14 32.00
CA ALA A 199 18.13 8.63 32.91
C ALA A 199 18.55 7.22 32.51
N TYR A 200 17.58 6.36 32.23
CA TYR A 200 17.90 4.97 31.96
C TYR A 200 18.68 4.82 30.66
N MET A 201 18.21 5.50 29.61
CA MET A 201 18.93 5.47 28.35
C MET A 201 20.28 6.13 28.50
N GLY A 202 20.39 7.10 29.41
CA GLY A 202 21.68 7.73 29.63
C GLY A 202 22.71 6.73 30.15
N ALA A 203 22.30 5.92 31.12
CA ALA A 203 23.14 4.80 31.58
C ALA A 203 23.50 3.86 30.43
N MET A 204 22.52 3.51 29.60
CA MET A 204 22.80 2.59 28.49
C MET A 204 23.79 3.21 27.51
N VAL A 205 23.61 4.51 27.21
CA VAL A 205 24.56 5.21 26.34
C VAL A 205 25.96 5.18 26.93
N GLU A 206 26.09 5.46 28.24
CA GLU A 206 27.41 5.36 28.86
C GLU A 206 27.99 3.97 28.66
N GLU A 207 27.27 2.95 29.15
CA GLU A 207 27.72 1.58 29.05
C GLU A 207 28.29 1.28 27.66
N ARG A 208 27.60 1.75 26.62
CA ARG A 208 28.01 1.37 25.27
C ARG A 208 29.15 2.23 24.73
N ARG A 209 29.38 3.41 25.30
CA ARG A 209 30.57 4.18 24.94
C ARG A 209 31.82 3.53 25.49
N ALA A 210 31.70 2.95 26.68
CA ALA A 210 32.82 2.26 27.30
C ALA A 210 32.99 0.84 26.72
N ARG A 211 31.89 0.15 26.59
CA ARG A 211 31.83 -1.21 26.05
C ARG A 211 30.79 -1.33 24.92
N PRO A 212 31.21 -1.14 23.65
CA PRO A 212 30.25 -1.23 22.56
C PRO A 212 29.71 -2.66 22.41
N THR A 213 28.47 -2.73 21.92
CA THR A 213 27.79 -4.04 21.72
C THR A 213 27.16 -4.12 20.32
N ASP A 214 26.88 -5.31 19.82
CA ASP A 214 26.28 -5.48 18.48
C ASP A 214 24.76 -5.56 18.63
N ASP A 215 24.16 -4.46 19.11
CA ASP A 215 22.70 -4.42 19.19
C ASP A 215 22.20 -3.07 18.70
N MET A 216 20.90 -2.83 18.83
CA MET A 216 20.37 -1.61 18.24
C MET A 216 20.74 -0.38 19.08
N PHE A 217 20.83 -0.48 20.40
CA PHE A 217 21.36 0.68 21.14
C PHE A 217 22.74 1.06 20.59
N GLY A 218 23.61 0.05 20.47
CA GLY A 218 24.93 0.27 19.96
C GLY A 218 24.94 0.88 18.59
N MET A 219 23.98 0.50 17.73
CA MET A 219 23.89 1.09 16.42
C MET A 219 23.61 2.58 16.52
N LEU A 220 22.68 2.98 17.41
CA LEU A 220 22.38 4.38 17.61
C LEU A 220 23.54 5.11 18.27
N VAL A 221 24.25 4.45 19.20
CA VAL A 221 25.38 5.11 19.83
C VAL A 221 26.46 5.37 18.81
N ARG A 222 26.65 4.48 17.83
CA ARG A 222 27.61 4.70 16.76
C ARG A 222 27.13 5.81 15.86
N ALA A 223 25.83 5.84 15.57
CA ALA A 223 25.34 6.86 14.65
C ALA A 223 25.47 8.24 15.24
N CYS A 224 25.35 8.35 16.56
CA CYS A 224 25.52 9.62 17.23
C CYS A 224 26.99 10.04 17.36
N ASP A 225 27.84 9.13 17.87
CA ASP A 225 29.21 9.47 18.26
C ASP A 225 30.17 9.36 17.09
N GLU A 226 30.13 8.26 16.34
CA GLU A 226 31.15 8.01 15.35
C GLU A 226 30.88 8.77 14.05
N GLU A 227 29.65 8.68 13.53
CA GLU A 227 29.37 9.29 12.25
C GLU A 227 28.65 10.62 12.35
N GLY A 228 28.25 11.04 13.55
CA GLY A 228 27.64 12.34 13.70
C GLY A 228 26.36 12.48 12.91
N ARG A 229 25.68 11.37 12.63
CA ARG A 229 24.49 11.40 11.79
C ARG A 229 23.31 11.99 12.52
N ILE A 230 23.21 11.76 13.83
CA ILE A 230 22.12 12.24 14.66
C ILE A 230 22.73 12.82 15.92
N THR A 231 21.91 13.54 16.67
CA THR A 231 22.27 14.11 17.95
C THR A 231 21.79 13.21 19.06
N GLU A 232 22.28 13.46 20.28
CA GLU A 232 21.93 12.63 21.41
C GLU A 232 20.45 12.64 21.66
N ILE A 233 19.80 13.82 21.54
CA ILE A 233 18.37 13.89 21.77
C ILE A 233 17.61 13.04 20.78
N GLU A 234 18.09 12.96 19.51
CA GLU A 234 17.44 12.15 18.49
C GLU A 234 17.73 10.67 18.70
N MET A 235 18.93 10.31 19.19
CA MET A 235 19.20 8.91 19.54
C MET A 235 18.26 8.45 20.64
N HIS A 236 18.09 9.29 21.66
CA HIS A 236 17.12 8.99 22.71
C HIS A 236 15.70 8.91 22.14
N ALA A 237 15.36 9.81 21.22
CA ALA A 237 13.99 9.81 20.71
C ALA A 237 13.71 8.53 19.92
N LEU A 238 14.63 8.13 19.06
CA LEU A 238 14.42 6.91 18.31
C LEU A 238 14.26 5.72 19.24
N ALA A 239 15.11 5.62 20.25
CA ALA A 239 14.97 4.53 21.21
C ALA A 239 13.59 4.58 21.89
N SER A 240 13.16 5.79 22.22
CA SER A 240 11.89 5.96 22.90
C SER A 240 10.74 5.49 22.02
N ASP A 241 10.72 5.92 20.76
CA ASP A 241 9.65 5.49 19.86
C ASP A 241 9.58 3.98 19.77
N LEU A 242 10.73 3.30 19.61
CA LEU A 242 10.68 1.85 19.40
C LEU A 242 10.27 1.10 20.66
N LEU A 243 10.65 1.60 21.83
CA LEU A 243 10.31 0.87 23.04
C LEU A 243 8.93 1.25 23.57
N SER A 244 8.36 2.30 23.04
CA SER A 244 6.99 2.70 23.35
C SER A 244 6.02 1.98 22.42
N ALA A 245 6.40 1.85 21.16
CA ALA A 245 5.49 1.27 20.20
C ALA A 245 5.70 -0.21 20.00
N GLY A 246 6.83 -0.75 20.35
CA GLY A 246 7.27 -1.98 19.74
C GLY A 246 6.79 -3.25 20.34
N PHE A 247 6.12 -3.21 21.51
CA PHE A 247 5.64 -4.47 22.05
C PHE A 247 4.23 -4.42 22.61
N VAL A 248 3.72 -3.28 23.13
CA VAL A 248 2.34 -3.27 23.65
C VAL A 248 1.37 -3.49 22.50
N SER A 249 1.79 -3.07 21.32
CA SER A 249 1.07 -3.21 20.07
C SER A 249 0.77 -4.67 19.80
N THR A 250 1.80 -5.44 19.51
CA THR A 250 1.55 -6.81 19.10
C THR A 250 0.92 -7.59 20.24
N ALA A 251 1.21 -7.21 21.48
CA ALA A 251 0.62 -7.87 22.65
C ALA A 251 -0.89 -7.82 22.60
N HIS A 252 -1.43 -6.62 22.48
CA HIS A 252 -2.86 -6.45 22.31
C HIS A 252 -3.35 -7.26 21.13
N GLN A 253 -2.63 -7.18 20.00
CA GLN A 253 -3.10 -7.86 18.78
C GLN A 253 -3.04 -9.39 18.91
N ILE A 254 -2.03 -9.95 19.60
CA ILE A 254 -1.98 -11.40 19.75
C ILE A 254 -3.24 -11.90 20.45
N ALA A 255 -3.69 -11.19 21.48
CA ALA A 255 -4.91 -11.58 22.20
C ALA A 255 -6.17 -11.23 21.38
N ASN A 256 -6.21 -10.06 20.74
CA ASN A 256 -7.34 -9.77 19.86
C ASN A 256 -7.49 -10.81 18.74
N PHE A 257 -6.39 -11.19 18.10
CA PHE A 257 -6.51 -12.15 17.00
C PHE A 257 -6.96 -13.52 17.50
N THR A 258 -6.39 -13.95 18.62
CA THR A 258 -6.74 -15.25 19.16
C THR A 258 -8.20 -15.25 19.56
N ALA A 259 -8.67 -14.17 20.20
CA ALA A 259 -10.05 -14.08 20.64
C ALA A 259 -11.03 -14.07 19.47
N MET A 260 -10.64 -13.45 18.36
CA MET A 260 -11.50 -13.46 17.20
C MET A 260 -11.63 -14.87 16.67
N LEU A 261 -10.51 -15.60 16.64
CA LEU A 261 -10.55 -16.96 16.11
C LEU A 261 -11.35 -17.87 17.04
N LEU A 262 -11.17 -17.72 18.35
CA LEU A 262 -11.81 -18.65 19.28
C LEU A 262 -13.31 -18.43 19.39
N ALA A 263 -13.79 -17.25 19.02
CA ALA A 263 -15.22 -16.94 18.99
C ALA A 263 -15.94 -17.46 17.75
N ARG A 264 -15.25 -18.08 16.83
CA ARG A 264 -15.94 -18.68 15.68
C ARG A 264 -16.15 -20.17 15.89
N PRO A 265 -17.20 -20.75 15.28
CA PRO A 265 -17.54 -22.15 15.61
C PRO A 265 -16.40 -23.12 15.37
N GLU A 266 -15.62 -22.91 14.32
CA GLU A 266 -14.53 -23.82 13.98
C GLU A 266 -13.21 -23.47 14.66
N ARG A 267 -13.15 -22.32 15.33
CA ARG A 267 -11.97 -21.84 16.04
C ARG A 267 -10.70 -21.96 15.21
N LEU A 268 -9.70 -22.67 15.72
CA LEU A 268 -8.42 -22.69 15.03
C LEU A 268 -8.41 -23.66 13.84
N GLN A 269 -9.45 -24.44 13.62
CA GLN A 269 -9.35 -25.57 12.68
C GLN A 269 -9.03 -25.19 11.24
N PRO A 270 -9.56 -24.11 10.68
CA PRO A 270 -9.15 -23.78 9.31
C PRO A 270 -7.66 -23.61 9.18
N LEU A 271 -6.99 -23.03 10.19
CA LEU A 271 -5.54 -22.84 10.09
C LEU A 271 -4.76 -24.09 10.49
N VAL A 272 -5.33 -24.96 11.32
CA VAL A 272 -4.74 -26.29 11.51
C VAL A 272 -4.71 -27.03 10.18
N ASP A 273 -5.86 -27.09 9.50
CA ASP A 273 -5.98 -27.86 8.26
C ASP A 273 -5.13 -27.25 7.14
N LYS A 274 -5.06 -25.92 7.04
CA LYS A 274 -4.38 -25.25 5.93
C LYS A 274 -3.41 -24.23 6.50
N PRO A 275 -2.29 -24.70 7.05
CA PRO A 275 -1.32 -23.76 7.64
C PRO A 275 -0.86 -22.69 6.67
N GLU A 276 -0.80 -22.99 5.38
CA GLU A 276 -0.36 -22.02 4.39
C GLU A 276 -1.25 -20.78 4.32
N GLN A 277 -2.46 -20.83 4.88
CA GLN A 277 -3.32 -19.65 4.84
C GLN A 277 -3.08 -18.72 6.04
N ILE A 278 -2.10 -19.01 6.90
CA ILE A 278 -1.90 -18.20 8.11
C ILE A 278 -1.48 -16.77 7.78
N PRO A 279 -0.63 -16.54 6.76
CA PRO A 279 -0.31 -15.14 6.45
C PRO A 279 -1.55 -14.37 6.01
N ALA A 280 -2.41 -15.00 5.22
CA ALA A 280 -3.64 -14.33 4.76
C ALA A 280 -4.59 -14.03 5.93
N ALA A 281 -4.75 -14.99 6.85
CA ALA A 281 -5.58 -14.76 8.05
C ALA A 281 -5.07 -13.55 8.84
N VAL A 282 -3.75 -13.44 9.00
CA VAL A 282 -3.15 -12.34 9.76
C VAL A 282 -3.53 -11.01 9.11
N GLU A 283 -3.46 -10.94 7.79
CA GLU A 283 -3.84 -9.73 7.06
C GLU A 283 -5.32 -9.40 7.25
N GLU A 284 -6.20 -10.42 7.18
CA GLU A 284 -7.61 -10.16 7.33
C GLU A 284 -7.91 -9.70 8.74
N LEU A 285 -7.24 -10.31 9.70
CA LEU A 285 -7.43 -9.89 11.10
C LEU A 285 -6.92 -8.47 11.31
N MET A 286 -5.83 -8.11 10.65
CA MET A 286 -5.33 -6.74 10.71
C MET A 286 -6.35 -5.77 10.14
N ARG A 287 -6.96 -6.12 9.01
CA ARG A 287 -8.03 -5.29 8.46
C ARG A 287 -9.22 -5.16 9.42
N HIS A 288 -9.58 -6.25 10.09
CA HIS A 288 -10.90 -6.35 10.73
C HIS A 288 -10.89 -5.81 12.15
N VAL A 289 -9.81 -6.01 12.88
CA VAL A 289 -9.80 -5.68 14.31
C VAL A 289 -9.72 -4.17 14.44
N PRO A 290 -10.70 -3.53 15.09
CA PRO A 290 -10.49 -2.12 15.46
C PRO A 290 -9.54 -2.00 16.64
N ILE A 291 -8.26 -1.80 16.36
CA ILE A 291 -7.30 -1.89 17.44
C ILE A 291 -7.32 -0.62 18.27
N LEU A 292 -7.65 0.53 17.68
CA LEU A 292 -7.61 1.78 18.43
C LEU A 292 -8.96 2.05 19.09
N SER A 293 -8.90 2.33 20.39
CA SER A 293 -10.02 2.83 21.15
C SER A 293 -10.29 4.31 20.86
N GLY A 294 -9.25 5.12 20.68
CA GLY A 294 -9.42 6.48 20.17
C GLY A 294 -9.02 6.70 18.70
N PHE A 295 -7.90 7.40 18.49
CA PHE A 295 -7.38 7.70 17.17
C PHE A 295 -5.92 8.13 17.33
N SER A 296 -5.22 8.09 16.22
CA SER A 296 -3.79 8.36 16.22
C SER A 296 -3.53 9.86 16.05
N PHE A 297 -2.38 10.25 15.49
CA PHE A 297 -2.13 11.67 15.33
C PHE A 297 -3.05 12.31 14.29
N PRO A 298 -3.65 13.47 14.59
CA PRO A 298 -4.33 14.21 13.54
C PRO A 298 -3.32 14.77 12.57
N ARG A 299 -3.76 15.03 11.36
CA ARG A 299 -2.96 15.81 10.43
C ARG A 299 -3.67 17.13 10.14
N TYR A 300 -2.91 18.08 9.64
CA TYR A 300 -3.41 19.42 9.39
C TYR A 300 -3.16 19.77 7.95
N ALA A 301 -4.22 20.18 7.26
CA ALA A 301 -4.07 20.67 5.91
C ALA A 301 -3.17 21.90 5.85
N THR A 302 -2.29 21.92 4.84
CA THR A 302 -1.34 23.00 4.67
C THR A 302 -1.75 23.95 3.55
N GLU A 303 -2.85 23.64 2.87
CA GLU A 303 -3.52 24.51 1.92
C GLU A 303 -4.97 24.04 1.87
N ASP A 304 -5.87 24.90 1.37
CA ASP A 304 -7.26 24.50 1.19
C ASP A 304 -7.35 23.34 0.21
N LEU A 305 -8.17 22.35 0.55
CA LEU A 305 -8.39 21.21 -0.34
C LEU A 305 -9.76 20.58 -0.10
N GLU A 306 -10.17 19.80 -1.07
CA GLU A 306 -11.45 19.13 -1.08
C GLU A 306 -11.35 17.69 -0.61
N MET A 307 -12.31 17.29 0.22
CA MET A 307 -12.40 15.93 0.71
C MET A 307 -13.86 15.62 1.03
N SER A 308 -14.38 14.60 0.36
CA SER A 308 -15.73 14.08 0.57
C SER A 308 -16.73 15.23 0.70
N GLY A 309 -16.66 16.12 -0.28
CA GLY A 309 -17.62 17.18 -0.48
C GLY A 309 -17.45 18.40 0.39
N VAL A 310 -16.37 18.50 1.15
CA VAL A 310 -16.14 19.66 1.99
C VAL A 310 -14.79 20.25 1.65
N THR A 311 -14.70 21.57 1.79
CA THR A 311 -13.44 22.27 1.67
C THR A 311 -12.79 22.27 3.05
N VAL A 312 -11.75 21.47 3.18
CA VAL A 312 -10.88 21.51 4.35
C VAL A 312 -9.95 22.71 4.20
N ARG A 313 -10.06 23.68 5.11
CA ARG A 313 -9.28 24.90 5.04
C ARG A 313 -7.90 24.70 5.66
N ARG A 314 -6.95 25.54 5.22
CA ARG A 314 -5.60 25.49 5.77
C ARG A 314 -5.65 25.52 7.28
N GLY A 315 -4.88 24.65 7.91
CA GLY A 315 -4.74 24.61 9.34
C GLY A 315 -5.72 23.67 10.05
N GLU A 316 -6.85 23.35 9.43
CA GLU A 316 -7.84 22.49 10.09
C GLU A 316 -7.37 21.03 10.15
N ALA A 317 -7.79 20.34 11.20
CA ALA A 317 -7.38 18.98 11.48
C ALA A 317 -8.32 17.96 10.87
N VAL A 318 -7.75 16.86 10.43
CA VAL A 318 -8.48 15.69 9.96
C VAL A 318 -7.86 14.47 10.62
N ILE A 319 -8.71 13.65 11.23
CA ILE A 319 -8.29 12.43 11.89
C ILE A 319 -8.34 11.29 10.88
N PRO A 320 -7.24 10.60 10.62
CA PRO A 320 -7.34 9.34 9.85
C PRO A 320 -7.90 8.16 10.66
N VAL A 321 -9.15 7.79 10.46
CA VAL A 321 -9.75 6.67 11.17
C VAL A 321 -9.42 5.39 10.40
N ILE A 322 -8.37 4.70 10.82
CA ILE A 322 -7.92 3.57 10.02
C ILE A 322 -8.89 2.39 10.12
N ALA A 323 -9.56 2.23 11.25
CA ALA A 323 -10.54 1.15 11.40
C ALA A 323 -11.71 1.35 10.43
N ALA A 324 -12.10 2.59 10.22
CA ALA A 324 -13.19 2.86 9.29
C ALA A 324 -12.75 2.66 7.86
N ALA A 325 -11.52 3.08 7.52
CA ALA A 325 -10.97 2.81 6.19
C ALA A 325 -11.05 1.32 5.88
N ASN A 326 -10.66 0.48 6.86
CA ASN A 326 -10.58 -0.96 6.69
C ASN A 326 -11.94 -1.64 6.56
N ARG A 327 -13.04 -0.89 6.74
CA ARG A 327 -14.38 -1.43 6.47
C ARG A 327 -15.13 -0.58 5.45
N ASP A 328 -14.41 0.23 4.65
CA ASP A 328 -15.01 0.99 3.57
C ASP A 328 -15.95 0.11 2.75
N PRO A 329 -17.23 0.46 2.62
CA PRO A 329 -18.17 -0.48 1.97
C PRO A 329 -17.91 -0.66 0.50
N ASP A 330 -17.21 0.28 -0.14
CA ASP A 330 -16.94 0.13 -1.57
C ASP A 330 -15.64 -0.59 -1.84
N VAL A 331 -14.68 -0.50 -0.92
CA VAL A 331 -13.47 -1.28 -1.08
C VAL A 331 -13.69 -2.75 -0.73
N TYR A 332 -14.45 -2.99 0.34
CA TYR A 332 -14.56 -4.31 0.97
C TYR A 332 -16.02 -4.73 1.00
N PRO A 333 -16.48 -5.55 0.06
CA PRO A 333 -17.87 -6.01 0.12
C PRO A 333 -18.05 -6.83 1.39
N ASP A 334 -19.18 -6.67 2.03
CA ASP A 334 -19.48 -7.32 3.32
C ASP A 334 -18.32 -7.17 4.30
N ALA A 335 -18.03 -5.90 4.57
CA ALA A 335 -16.78 -5.56 5.27
C ALA A 335 -16.78 -6.04 6.73
N GLY A 336 -17.95 -6.12 7.37
CA GLY A 336 -17.99 -6.62 8.75
C GLY A 336 -17.67 -8.09 8.89
N ARG A 337 -17.71 -8.84 7.79
CA ARG A 337 -17.45 -10.27 7.84
C ARG A 337 -15.95 -10.52 7.94
N LEU A 338 -15.54 -11.30 8.95
CA LEU A 338 -14.16 -11.75 9.04
C LEU A 338 -14.02 -12.97 8.15
N ASP A 339 -13.36 -12.80 7.02
CA ASP A 339 -13.24 -13.84 6.02
C ASP A 339 -11.75 -14.06 5.84
N LEU A 340 -11.23 -15.13 6.47
CA LEU A 340 -9.79 -15.30 6.50
C LEU A 340 -9.20 -15.53 5.12
N GLU A 341 -10.07 -15.70 4.11
CA GLU A 341 -9.58 -15.87 2.74
C GLU A 341 -9.73 -14.62 1.84
N ARG A 342 -10.32 -13.55 2.32
CA ARG A 342 -10.43 -12.29 1.57
C ARG A 342 -9.08 -11.87 0.97
N ASN A 343 -9.15 -11.15 -0.17
CA ASN A 343 -7.88 -10.69 -0.77
C ASN A 343 -8.15 -9.59 -1.80
N LEU A 345 -8.08 -5.83 -1.06
CA LEU A 345 -7.38 -4.54 -1.29
C LEU A 345 -6.52 -4.38 -0.03
N PRO A 346 -5.32 -3.78 -0.15
CA PRO A 346 -4.44 -3.59 1.01
C PRO A 346 -5.01 -2.72 2.14
N HIS A 347 -5.05 -3.27 3.34
CA HIS A 347 -5.62 -2.55 4.49
C HIS A 347 -4.72 -1.42 4.94
N LEU A 348 -5.29 -0.52 5.70
CA LEU A 348 -4.56 0.60 6.28
C LEU A 348 -4.16 0.35 7.72
N GLY A 349 -4.12 -0.92 8.12
CA GLY A 349 -3.94 -1.26 9.52
C GLY A 349 -2.53 -1.00 10.04
N PHE A 350 -1.56 -0.87 9.13
CA PHE A 350 -0.22 -0.39 9.50
C PHE A 350 -0.06 1.05 9.05
N GLY A 351 -1.17 1.74 8.75
CA GLY A 351 -1.08 3.10 8.21
C GLY A 351 -0.67 3.15 6.74
N GLN A 352 -0.07 4.26 6.34
CA GLN A 352 0.25 4.52 4.95
C GLN A 352 1.06 5.81 4.90
N GLY A 353 1.85 5.95 3.86
CA GLY A 353 2.65 7.13 3.69
C GLY A 353 3.86 7.15 4.59
N PRO A 354 4.37 8.35 4.90
CA PRO A 354 5.63 8.48 5.63
C PRO A 354 5.71 7.70 6.93
N HIS A 355 4.65 7.75 7.73
CA HIS A 355 4.66 7.15 9.06
C HIS A 355 4.12 5.74 9.09
N PHE A 356 3.94 5.10 7.93
CA PHE A 356 3.63 3.68 7.87
C PHE A 356 4.56 2.89 8.79
N CYS A 357 3.97 1.92 9.49
CA CYS A 357 4.59 1.28 10.64
C CYS A 357 5.98 0.74 10.30
N ILE A 358 7.00 1.30 10.97
CA ILE A 358 8.36 0.80 10.74
C ILE A 358 8.47 -0.68 11.12
N GLY A 359 7.62 -1.12 12.06
CA GLY A 359 7.64 -2.49 12.53
C GLY A 359 6.75 -3.45 11.78
N ALA A 360 6.19 -3.03 10.66
CA ALA A 360 5.13 -3.83 10.05
C ALA A 360 5.57 -5.25 9.79
N HIS A 361 6.79 -5.45 9.28
CA HIS A 361 7.16 -6.83 8.94
C HIS A 361 7.46 -7.64 10.21
N LEU A 362 8.07 -7.01 11.21
CA LEU A 362 8.22 -7.67 12.50
C LEU A 362 6.86 -8.07 13.09
N ALA A 363 5.85 -7.19 12.95
CA ALA A 363 4.53 -7.49 13.51
C ALA A 363 3.86 -8.65 12.78
N ARG A 364 4.00 -8.67 11.44
CA ARG A 364 3.51 -9.78 10.67
C ARG A 364 4.20 -11.08 11.09
N VAL A 365 5.53 -11.04 11.28
CA VAL A 365 6.27 -12.23 11.69
C VAL A 365 5.79 -12.73 13.03
N GLU A 366 5.67 -11.84 14.00
CA GLU A 366 5.20 -12.23 15.33
C GLU A 366 3.80 -12.85 15.28
N LEU A 367 2.89 -12.27 14.51
CA LEU A 367 1.53 -12.74 14.51
C LEU A 367 1.40 -14.02 13.72
N GLN A 368 2.13 -14.13 12.61
CA GLN A 368 2.16 -15.39 11.88
C GLN A 368 2.71 -16.51 12.75
N VAL A 369 3.85 -16.27 13.37
CA VAL A 369 4.49 -17.29 14.20
C VAL A 369 3.57 -17.68 15.34
N VAL A 370 2.94 -16.72 15.99
CA VAL A 370 2.03 -17.10 17.06
C VAL A 370 0.94 -18.06 16.54
N LEU A 371 0.38 -17.79 15.36
CA LEU A 371 -0.69 -18.66 14.88
C LEU A 371 -0.17 -20.03 14.48
N GLU A 372 1.02 -20.08 13.86
CA GLU A 372 1.70 -21.34 13.63
C GLU A 372 1.81 -22.13 14.93
N ALA A 373 2.37 -21.50 15.96
CA ALA A 373 2.61 -22.19 17.23
C ALA A 373 1.32 -22.66 17.87
N LEU A 374 0.32 -21.78 17.91
CA LEU A 374 -0.95 -22.12 18.53
C LEU A 374 -1.63 -23.28 17.81
N THR A 375 -1.66 -23.25 16.47
CA THR A 375 -2.37 -24.29 15.72
C THR A 375 -1.63 -25.62 15.77
N GLU A 376 -0.29 -25.56 15.69
CA GLU A 376 0.52 -26.78 15.72
C GLU A 376 0.48 -27.46 17.09
N ARG A 377 0.42 -26.67 18.16
CA ARG A 377 0.50 -27.18 19.51
C ARG A 377 -0.85 -27.38 20.17
N PHE A 378 -1.82 -26.49 19.96
CA PHE A 378 -3.15 -26.59 20.58
C PHE A 378 -4.26 -26.52 19.53
N PRO A 379 -4.30 -27.46 18.59
CA PRO A 379 -5.31 -27.35 17.52
C PRO A 379 -6.73 -27.17 18.04
N ASP A 380 -7.02 -27.64 19.26
CA ASP A 380 -8.36 -27.56 19.79
C ASP A 380 -8.50 -26.44 20.83
N LEU A 381 -7.63 -25.44 20.76
CA LEU A 381 -7.72 -24.28 21.65
C LEU A 381 -9.14 -23.77 21.68
N ARG A 382 -9.55 -23.29 22.86
CA ARG A 382 -10.89 -22.81 23.09
C ARG A 382 -10.84 -21.79 24.21
N PHE A 383 -11.88 -20.95 24.28
CA PHE A 383 -11.96 -20.04 25.40
C PHE A 383 -11.97 -20.84 26.69
N GLY A 384 -11.30 -20.34 27.71
CA GLY A 384 -11.32 -21.00 29.00
C GLY A 384 -12.38 -20.49 29.93
N ILE A 385 -13.12 -19.48 29.51
CA ILE A 385 -14.26 -18.93 30.23
C ILE A 385 -15.36 -18.65 29.23
N PRO A 386 -16.59 -18.48 29.67
CA PRO A 386 -17.63 -18.07 28.72
C PRO A 386 -17.19 -16.77 28.09
N GLU A 387 -17.48 -16.61 26.78
CA GLU A 387 -16.98 -15.43 26.10
C GLU A 387 -17.64 -14.17 26.62
N ASN A 388 -18.86 -14.27 27.18
CA ASN A 388 -19.51 -13.09 27.74
C ASN A 388 -18.85 -12.61 29.03
N ALA A 389 -17.96 -13.41 29.61
CA ALA A 389 -17.20 -13.00 30.77
C ALA A 389 -15.86 -12.36 30.42
N LEU A 390 -15.52 -12.29 29.14
CA LEU A 390 -14.27 -11.67 28.73
C LEU A 390 -14.21 -10.23 29.22
N LYS A 391 -13.07 -9.87 29.82
CA LYS A 391 -12.86 -8.55 30.38
C LYS A 391 -12.08 -7.70 29.37
N TRP A 392 -12.78 -6.81 28.65
CA TRP A 392 -12.14 -5.92 27.69
C TRP A 392 -11.71 -4.62 28.36
N LYS A 393 -10.56 -4.09 27.95
CA LYS A 393 -10.02 -2.89 28.55
C LYS A 393 -10.90 -1.69 28.21
N ARG A 394 -10.83 -0.68 29.07
CA ARG A 394 -11.77 0.45 29.04
C ARG A 394 -11.14 1.81 28.79
N GLY A 395 -9.97 2.12 29.35
CA GLY A 395 -9.39 3.45 29.21
C GLY A 395 -8.04 3.55 28.53
N HIS A 396 -7.74 2.51 27.76
CA HIS A 396 -6.47 2.36 27.09
C HIS A 396 -6.54 2.94 25.68
N PHE A 397 -5.38 3.35 25.18
CA PHE A 397 -5.28 3.79 23.80
C PHE A 397 -5.77 2.70 22.84
N MET A 398 -5.62 1.44 23.23
CA MET A 398 -5.99 0.32 22.36
C MET A 398 -7.10 -0.55 22.94
N ASN A 399 -7.81 -1.21 22.05
CA ASN A 399 -8.76 -2.22 22.44
C ASN A 399 -8.06 -3.55 22.70
N GLY A 400 -8.52 -4.26 23.72
CA GLY A 400 -7.90 -5.52 24.07
C GLY A 400 -8.48 -6.07 25.36
N LEU A 401 -7.87 -7.14 25.83
CA LEU A 401 -8.35 -7.93 26.96
C LEU A 401 -7.44 -7.70 28.15
N HIS A 402 -8.04 -7.57 29.33
CA HIS A 402 -7.24 -7.63 30.54
C HIS A 402 -6.67 -9.04 30.68
N GLU A 403 -7.44 -10.04 30.25
CA GLU A 403 -7.12 -11.46 30.39
C GLU A 403 -7.76 -12.24 29.26
N LEU A 404 -7.15 -13.34 28.86
CA LEU A 404 -7.70 -14.25 27.85
C LEU A 404 -7.51 -15.68 28.30
N PRO A 405 -8.41 -16.20 29.13
CA PRO A 405 -8.28 -17.61 29.53
C PRO A 405 -8.54 -18.52 28.35
N VAL A 406 -7.61 -19.43 28.12
CA VAL A 406 -7.73 -20.43 27.07
C VAL A 406 -7.62 -21.82 27.69
N ALA A 407 -8.21 -22.79 27.02
CA ALA A 407 -8.21 -24.18 27.46
C ALA A 407 -7.94 -25.09 26.27
N TRP A 408 -7.36 -26.26 26.57
CA TRP A 408 -6.86 -27.22 25.59
C TRP A 408 -6.94 -28.55 26.37
N LEU B 19 29.27 -0.61 -17.33
CA LEU B 19 28.14 -1.08 -16.51
C LEU B 19 27.33 -2.20 -17.17
N LEU B 20 26.44 -2.82 -16.37
CA LEU B 20 25.42 -3.69 -16.94
C LEU B 20 24.47 -2.88 -17.79
N THR B 21 24.00 -3.48 -18.89
CA THR B 21 22.96 -2.85 -19.71
C THR B 21 21.59 -3.27 -19.19
N PHE B 22 20.66 -2.31 -19.08
CA PHE B 22 19.31 -2.54 -18.63
C PHE B 22 18.37 -1.84 -19.59
N PRO B 23 17.25 -2.48 -19.97
CA PRO B 23 16.68 -3.73 -19.48
C PRO B 23 17.45 -4.99 -19.83
N PHE B 24 17.26 -6.02 -19.00
CA PHE B 24 17.92 -7.30 -19.19
C PHE B 24 17.23 -8.14 -20.26
N ALA B 25 17.94 -9.16 -20.72
CA ALA B 25 17.43 -10.08 -21.73
C ALA B 25 16.33 -10.92 -21.14
N SER B 26 15.25 -11.09 -21.89
CA SER B 26 14.04 -11.79 -21.48
C SER B 26 13.08 -11.83 -22.65
N THR B 27 12.34 -12.93 -22.75
CA THR B 27 11.31 -13.10 -23.76
C THR B 27 9.91 -13.24 -23.15
N GLY B 28 8.93 -12.60 -23.78
CA GLY B 28 7.57 -12.69 -23.29
C GLY B 28 7.50 -12.23 -21.85
N LEU B 29 6.89 -13.04 -21.00
CA LEU B 29 6.72 -12.66 -19.59
C LEU B 29 7.80 -13.26 -18.72
N GLU B 30 8.91 -13.68 -19.32
CA GLU B 30 10.01 -14.26 -18.56
C GLU B 30 10.56 -13.27 -17.55
N PHE B 31 10.87 -13.77 -16.35
CA PHE B 31 11.64 -13.03 -15.38
C PHE B 31 13.06 -13.59 -15.33
N PRO B 32 14.10 -12.87 -15.75
CA PRO B 32 15.41 -13.53 -16.00
C PRO B 32 16.19 -13.75 -14.71
N PRO B 33 17.09 -14.74 -14.73
CA PRO B 33 17.76 -15.16 -13.49
C PRO B 33 18.77 -14.14 -12.97
N VAL B 34 19.19 -13.19 -13.80
CA VAL B 34 20.14 -12.19 -13.34
C VAL B 34 19.64 -11.54 -12.07
N TYR B 35 18.32 -11.36 -11.96
CA TYR B 35 17.78 -10.68 -10.78
C TYR B 35 18.14 -11.45 -9.52
N HIS B 36 18.15 -12.78 -9.61
CA HIS B 36 18.49 -13.59 -8.45
C HIS B 36 19.89 -13.30 -7.94
N GLU B 37 20.78 -12.87 -8.83
CA GLU B 37 22.09 -12.42 -8.40
C GLU B 37 22.04 -11.02 -7.79
N LEU B 38 21.37 -10.08 -8.48
CA LEU B 38 21.30 -8.70 -7.98
C LEU B 38 20.59 -8.57 -6.64
N TYR B 39 19.71 -9.49 -6.25
CA TYR B 39 19.01 -9.30 -4.97
C TYR B 39 20.00 -9.32 -3.81
N GLN B 40 21.04 -10.14 -3.94
CA GLN B 40 22.05 -10.35 -2.91
C GLN B 40 23.08 -9.22 -2.81
N GLN B 41 23.03 -8.26 -3.71
CA GLN B 41 24.10 -7.29 -3.87
C GLN B 41 23.66 -5.88 -3.50
N ARG B 42 24.64 -4.99 -3.46
CA ARG B 42 24.33 -3.60 -3.19
C ARG B 42 23.65 -2.98 -4.42
N LEU B 43 23.08 -1.81 -4.23
CA LEU B 43 22.54 -1.06 -5.36
C LEU B 43 23.57 -1.04 -6.48
N THR B 44 23.14 -1.38 -7.69
CA THR B 44 24.02 -1.38 -8.84
C THR B 44 23.61 -0.33 -9.87
N LYS B 45 24.61 0.34 -10.44
CA LYS B 45 24.37 1.25 -11.55
C LYS B 45 24.31 0.50 -12.87
N VAL B 46 23.49 0.99 -13.81
CA VAL B 46 23.36 0.38 -15.12
C VAL B 46 23.31 1.40 -16.25
N ARG B 47 23.57 0.91 -17.47
CA ARG B 47 23.52 1.69 -18.69
C ARG B 47 22.17 1.47 -19.37
N LEU B 48 21.55 2.55 -19.79
CA LEU B 48 20.23 2.53 -20.39
C LEU B 48 20.33 2.87 -21.88
N PRO B 49 19.32 2.51 -22.67
CA PRO B 49 19.38 2.79 -24.12
C PRO B 49 19.62 4.28 -24.45
N TYR B 50 19.07 5.17 -23.65
CA TYR B 50 19.19 6.60 -23.86
C TYR B 50 19.32 7.25 -22.51
N GLY B 51 20.00 8.38 -22.47
CA GLY B 51 20.13 9.17 -21.27
C GLY B 51 21.24 8.77 -20.32
N ASP B 52 21.25 9.45 -19.20
CA ASP B 52 22.21 9.18 -18.15
C ASP B 52 22.08 7.75 -17.65
N ASP B 53 23.16 7.28 -17.03
CA ASP B 53 23.14 6.02 -16.32
C ASP B 53 22.25 6.15 -15.07
N ALA B 54 21.93 5.02 -14.44
CA ALA B 54 21.05 5.10 -13.29
C ALA B 54 21.21 3.89 -12.37
N TYR B 55 20.90 4.10 -11.11
CA TYR B 55 20.89 2.94 -10.23
C TYR B 55 19.60 2.16 -10.41
N LEU B 56 19.66 0.91 -10.04
CA LEU B 56 18.54 -0.02 -10.21
C LEU B 56 17.96 -0.48 -8.87
N ALA B 57 16.85 0.16 -8.44
CA ALA B 57 16.14 -0.31 -7.25
C ALA B 57 15.39 -1.60 -7.58
N ILE B 58 15.79 -2.71 -6.95
CA ILE B 58 15.07 -3.97 -7.18
C ILE B 58 14.44 -4.55 -5.91
N ARG B 59 14.95 -4.22 -4.72
CA ARG B 59 14.30 -4.72 -3.51
C ARG B 59 12.97 -4.02 -3.29
N TYR B 60 12.04 -4.75 -2.67
CA TYR B 60 10.69 -4.27 -2.41
C TYR B 60 10.74 -2.92 -1.71
N ALA B 61 11.47 -2.87 -0.59
CA ALA B 61 11.56 -1.64 0.20
C ALA B 61 12.21 -0.53 -0.60
N ASP B 62 13.16 -0.86 -1.47
CA ASP B 62 13.85 0.20 -2.21
C ASP B 62 12.98 0.79 -3.29
N VAL B 63 12.22 -0.07 -3.99
CA VAL B 63 11.32 0.43 -5.02
C VAL B 63 10.25 1.28 -4.38
N LYS B 64 9.73 0.83 -3.23
CA LYS B 64 8.77 1.60 -2.48
C LYS B 64 9.32 2.97 -2.12
N THR B 65 10.59 3.01 -1.70
CA THR B 65 11.19 4.29 -1.36
C THR B 65 11.25 5.19 -2.58
N VAL B 66 11.74 4.67 -3.70
CA VAL B 66 11.95 5.51 -4.87
C VAL B 66 10.62 6.15 -5.29
N LEU B 67 9.54 5.41 -5.14
CA LEU B 67 8.24 5.86 -5.64
C LEU B 67 7.52 6.77 -4.65
N SER B 68 7.89 6.71 -3.38
CA SER B 68 7.08 7.38 -2.35
C SER B 68 7.85 8.33 -1.46
N ASP B 69 9.19 8.29 -1.41
CA ASP B 69 9.94 9.20 -0.57
C ASP B 69 10.06 10.57 -1.26
N SER B 70 9.76 11.65 -0.54
CA SER B 70 9.85 12.97 -1.15
C SER B 70 11.27 13.36 -1.52
N ARG B 71 12.28 12.62 -1.08
CA ARG B 71 13.64 12.89 -1.56
C ARG B 71 13.93 12.24 -2.91
N PHE B 72 12.92 11.67 -3.56
CA PHE B 72 13.06 11.21 -4.93
C PHE B 72 12.05 11.97 -5.77
N SER B 73 12.56 12.82 -6.65
CA SER B 73 11.75 13.66 -7.50
C SER B 73 11.59 13.02 -8.89
N ILE B 74 10.40 13.15 -9.48
CA ILE B 74 10.26 12.65 -10.86
C ILE B 74 10.71 13.66 -11.88
N VAL B 75 11.16 14.82 -11.44
CA VAL B 75 11.50 15.92 -12.33
C VAL B 75 13.00 16.09 -12.34
N ALA B 76 13.55 16.23 -13.54
CA ALA B 76 14.99 16.36 -13.75
C ALA B 76 15.35 17.85 -13.69
N SER B 77 15.60 18.36 -12.50
CA SER B 77 15.82 19.79 -12.34
C SER B 77 17.29 20.15 -12.21
N LEU B 78 18.19 19.18 -12.35
CA LEU B 78 19.61 19.40 -12.18
C LEU B 78 20.40 19.00 -13.43
N GLY B 79 19.82 19.18 -14.61
CA GLY B 79 20.56 18.99 -15.84
C GLY B 79 20.63 17.57 -16.33
N GLN B 80 19.88 16.65 -15.75
CA GLN B 80 20.02 15.24 -16.09
C GLN B 80 19.41 14.98 -17.46
N ASP B 81 19.92 13.95 -18.13
CA ASP B 81 19.36 13.42 -19.38
C ASP B 81 18.62 12.13 -19.04
N GLN B 82 17.30 12.19 -19.09
CA GLN B 82 16.41 11.22 -18.47
C GLN B 82 16.75 9.80 -18.91
N PRO B 83 17.14 8.92 -17.99
CA PRO B 83 17.26 7.50 -18.37
C PRO B 83 15.96 6.97 -18.96
N ARG B 84 16.05 6.32 -20.12
CA ARG B 84 14.83 5.88 -20.77
C ARG B 84 15.15 4.83 -21.83
N THR B 85 14.09 4.21 -22.34
CA THR B 85 14.15 3.27 -23.45
C THR B 85 13.71 3.90 -24.77
N ARG B 86 13.06 5.05 -24.75
CA ARG B 86 12.54 5.70 -25.93
C ARG B 86 13.46 6.84 -26.36
N ALA B 87 13.57 7.04 -27.67
CA ALA B 87 14.58 7.95 -28.20
C ALA B 87 14.33 9.37 -27.70
N GLY B 88 13.07 9.82 -27.77
CA GLY B 88 12.72 11.14 -27.28
C GLY B 88 12.28 11.15 -25.82
N ALA B 89 12.95 11.98 -25.01
CA ALA B 89 12.64 12.14 -23.59
C ALA B 89 11.14 12.31 -23.35
N ARG B 90 10.68 11.77 -22.24
CA ARG B 90 9.26 11.84 -21.89
C ARG B 90 9.01 13.13 -21.15
N VAL B 91 8.53 14.15 -21.87
CA VAL B 91 8.30 15.47 -21.30
C VAL B 91 6.90 15.96 -21.66
N GLY B 92 6.24 16.59 -20.70
CA GLY B 92 4.95 17.18 -20.96
C GLY B 92 4.52 18.01 -19.77
N ASN B 93 3.20 18.23 -19.65
CA ASN B 93 2.69 19.08 -18.57
C ASN B 93 1.62 18.35 -17.77
N GLY B 94 1.61 17.04 -17.87
CA GLY B 94 0.68 16.21 -17.15
C GLY B 94 1.28 15.61 -15.88
N LEU B 95 0.68 14.51 -15.43
CA LEU B 95 0.87 14.09 -14.06
C LEU B 95 2.25 13.51 -13.82
N PHE B 96 2.85 12.92 -14.83
CA PHE B 96 4.18 12.38 -14.71
C PHE B 96 5.26 13.45 -14.74
N SER B 97 4.87 14.70 -14.99
CA SER B 97 5.82 15.79 -15.09
C SER B 97 5.91 16.60 -13.80
N LEU B 98 5.31 16.14 -12.70
CA LEU B 98 5.12 17.00 -11.55
C LEU B 98 5.37 16.26 -10.24
N ASP B 99 5.94 16.95 -9.30
CA ASP B 99 6.06 16.45 -7.94
C ASP B 99 4.97 17.05 -7.09
N PRO B 100 4.71 16.45 -5.93
CA PRO B 100 3.82 17.11 -4.99
C PRO B 100 4.44 18.38 -4.49
N PRO B 101 3.62 19.39 -4.14
CA PRO B 101 2.15 19.46 -4.19
C PRO B 101 1.50 19.86 -5.51
N GLN B 102 2.31 20.35 -6.45
CA GLN B 102 1.78 20.64 -7.77
C GLN B 102 1.09 19.40 -8.35
N HIS B 103 1.72 18.23 -8.19
CA HIS B 103 1.10 16.99 -8.68
C HIS B 103 -0.25 16.73 -7.99
N SER B 104 -0.29 16.94 -6.67
CA SER B 104 -1.50 16.64 -5.90
C SER B 104 -2.68 17.55 -6.29
N ARG B 105 -2.43 18.83 -6.51
CA ARG B 105 -3.50 19.72 -6.94
C ARG B 105 -4.00 19.37 -8.34
N LEU B 106 -3.08 19.07 -9.27
CA LEU B 106 -3.53 18.71 -10.61
C LEU B 106 -4.33 17.41 -10.60
N ARG B 107 -3.79 16.34 -10.03
CA ARG B 107 -4.52 15.09 -10.00
C ARG B 107 -5.87 15.24 -9.30
N SER B 108 -5.94 16.10 -8.29
CA SER B 108 -7.18 16.29 -7.54
C SER B 108 -8.37 16.63 -8.45
N VAL B 109 -8.11 17.20 -9.61
CA VAL B 109 -9.19 17.45 -10.55
C VAL B 109 -9.84 16.17 -11.01
N LEU B 110 -9.07 15.09 -11.12
CA LEU B 110 -9.60 13.78 -11.51
C LEU B 110 -10.04 12.92 -10.34
N GLY B 111 -9.54 13.22 -9.15
CA GLY B 111 -9.72 12.35 -8.00
C GLY B 111 -11.06 11.67 -7.91
N ARG B 112 -12.13 12.45 -7.89
CA ARG B 112 -13.43 11.93 -7.49
C ARG B 112 -14.02 11.02 -8.53
N ASP B 113 -13.48 11.04 -9.75
CA ASP B 113 -13.93 10.11 -10.76
C ASP B 113 -13.27 8.75 -10.68
N PHE B 114 -12.23 8.59 -9.83
CA PHE B 114 -11.50 7.32 -9.81
C PHE B 114 -11.42 6.68 -8.44
N THR B 115 -12.16 7.19 -7.46
CA THR B 115 -12.23 6.56 -6.16
C THR B 115 -13.00 5.24 -6.23
N PRO B 116 -12.71 4.30 -5.31
CA PRO B 116 -13.51 3.06 -5.26
C PRO B 116 -15.01 3.30 -5.29
N ARG B 117 -15.52 4.35 -4.64
CA ARG B 117 -16.95 4.57 -4.54
C ARG B 117 -17.56 4.95 -5.89
N ARG B 118 -16.85 5.73 -6.72
CA ARG B 118 -17.33 6.03 -8.07
C ARG B 118 -17.13 4.86 -9.02
N VAL B 119 -15.93 4.29 -9.01
CA VAL B 119 -15.62 3.25 -9.97
C VAL B 119 -16.45 2.00 -9.74
N GLU B 120 -16.82 1.72 -8.48
CA GLU B 120 -17.65 0.56 -8.20
C GLU B 120 -19.00 0.66 -8.92
N LYS B 121 -19.50 1.88 -9.16
CA LYS B 121 -20.75 2.02 -9.90
C LYS B 121 -20.60 1.75 -11.41
N LEU B 122 -19.38 1.57 -11.91
CA LEU B 122 -19.18 1.24 -13.31
C LEU B 122 -19.18 -0.26 -13.56
N ARG B 123 -19.30 -1.07 -12.52
CA ARG B 123 -19.09 -2.50 -12.69
C ARG B 123 -20.02 -3.05 -13.76
N GLU B 124 -21.30 -2.66 -13.68
CA GLU B 124 -22.33 -3.23 -14.56
C GLU B 124 -22.04 -2.86 -16.00
N ARG B 125 -21.72 -1.59 -16.26
CA ARG B 125 -21.42 -1.21 -17.64
C ARG B 125 -20.20 -1.97 -18.15
N VAL B 126 -19.21 -2.18 -17.29
CA VAL B 126 -18.03 -2.94 -17.72
C VAL B 126 -18.42 -4.36 -18.13
N ARG B 127 -19.34 -4.98 -17.37
CA ARG B 127 -19.78 -6.32 -17.73
C ARG B 127 -20.58 -6.27 -19.02
N GLU B 128 -21.47 -5.28 -19.14
CA GLU B 128 -22.28 -5.15 -20.36
C GLU B 128 -21.39 -5.07 -21.59
N LEU B 129 -20.42 -4.17 -21.55
CA LEU B 129 -19.46 -4.11 -22.65
C LEU B 129 -18.70 -5.43 -22.82
N THR B 130 -18.30 -6.06 -21.72
CA THR B 130 -17.56 -7.31 -21.86
C THR B 130 -18.43 -8.35 -22.53
N ASP B 131 -19.73 -8.38 -22.18
CA ASP B 131 -20.66 -9.35 -22.76
C ASP B 131 -20.84 -9.10 -24.26
N GLN B 132 -20.84 -7.81 -24.65
CA GLN B 132 -21.07 -7.47 -26.06
C GLN B 132 -19.88 -7.94 -26.88
N CYS B 133 -18.65 -7.77 -26.35
CA CYS B 133 -17.45 -8.30 -27.01
C CYS B 133 -17.54 -9.80 -27.15
N LEU B 134 -17.89 -10.48 -26.09
CA LEU B 134 -17.90 -11.93 -26.12
C LEU B 134 -19.05 -12.47 -26.97
N ASP B 135 -20.19 -11.76 -27.04
CA ASP B 135 -21.24 -12.16 -27.96
C ASP B 135 -20.64 -12.24 -29.35
N ARG B 136 -19.90 -11.19 -29.72
CA ARG B 136 -19.34 -11.10 -31.05
C ARG B 136 -18.26 -12.16 -31.24
N MET B 137 -17.46 -12.42 -30.19
CA MET B 137 -16.45 -13.46 -30.34
C MET B 137 -17.09 -14.82 -30.55
N GLU B 138 -18.06 -15.17 -29.73
CA GLU B 138 -18.73 -16.45 -29.88
C GLU B 138 -19.33 -16.55 -31.28
N ALA B 139 -19.94 -15.47 -31.74
CA ALA B 139 -20.59 -15.49 -33.05
C ALA B 139 -19.59 -15.73 -34.15
N ALA B 140 -18.40 -15.11 -34.00
CA ALA B 140 -17.32 -15.28 -34.97
C ALA B 140 -16.86 -16.72 -35.01
N GLY B 141 -16.76 -17.36 -33.84
CA GLY B 141 -16.56 -18.78 -33.75
C GLY B 141 -15.15 -19.17 -33.31
N SER B 142 -15.07 -20.30 -32.62
CA SER B 142 -13.80 -20.84 -32.15
C SER B 142 -13.03 -21.44 -33.32
N PRO B 143 -11.74 -21.15 -33.47
CA PRO B 143 -10.89 -20.33 -32.59
C PRO B 143 -10.92 -18.88 -32.97
N ALA B 144 -10.79 -18.01 -31.97
CA ALA B 144 -10.90 -16.57 -32.18
C ALA B 144 -9.80 -15.86 -31.40
N ASP B 145 -9.39 -14.71 -31.90
CA ASP B 145 -8.35 -13.91 -31.25
C ASP B 145 -8.96 -13.06 -30.15
N LEU B 146 -8.65 -13.40 -28.89
CA LEU B 146 -9.17 -12.66 -27.74
C LEU B 146 -8.66 -11.21 -27.68
N VAL B 147 -7.47 -10.94 -28.23
CA VAL B 147 -6.96 -9.57 -28.27
C VAL B 147 -7.92 -8.69 -29.06
N ALA B 148 -8.18 -9.07 -30.32
CA ALA B 148 -9.02 -8.26 -31.20
C ALA B 148 -10.48 -8.20 -30.72
N HIS B 149 -10.98 -9.29 -30.18
CA HIS B 149 -12.38 -9.36 -29.79
C HIS B 149 -12.66 -8.81 -28.41
N LEU B 150 -11.69 -8.82 -27.48
CA LEU B 150 -12.05 -8.28 -26.17
C LEU B 150 -10.98 -7.39 -25.55
N ALA B 151 -9.74 -7.83 -25.48
CA ALA B 151 -8.71 -7.06 -24.77
C ALA B 151 -8.60 -5.62 -25.26
N VAL B 152 -8.73 -5.40 -26.56
CA VAL B 152 -8.59 -4.06 -27.14
C VAL B 152 -9.90 -3.30 -27.00
N PRO B 153 -11.02 -3.86 -27.39
CA PRO B 153 -12.23 -3.02 -27.46
C PRO B 153 -12.81 -2.66 -26.12
N MET B 154 -12.86 -3.59 -25.18
CA MET B 154 -13.61 -3.31 -23.97
C MET B 154 -12.97 -2.21 -23.14
N PRO B 155 -11.68 -2.26 -22.82
CA PRO B 155 -11.08 -1.16 -22.03
C PRO B 155 -11.08 0.16 -22.80
N THR B 156 -10.93 0.10 -24.13
CA THR B 156 -11.01 1.30 -24.93
C THR B 156 -12.41 1.93 -24.81
N ALA B 157 -13.45 1.10 -24.91
CA ALA B 157 -14.82 1.61 -24.79
C ALA B 157 -15.05 2.21 -23.43
N VAL B 158 -14.64 1.50 -22.36
CA VAL B 158 -14.92 1.97 -21.01
C VAL B 158 -14.43 3.40 -20.83
N VAL B 159 -13.14 3.64 -21.09
CA VAL B 159 -12.53 4.94 -20.82
C VAL B 159 -13.04 5.99 -21.78
N CYS B 160 -13.23 5.62 -23.05
CA CYS B 160 -13.73 6.60 -24.01
C CYS B 160 -15.15 7.03 -23.67
N GLU B 161 -16.00 6.10 -23.26
CA GLU B 161 -17.33 6.48 -22.78
C GLU B 161 -17.23 7.40 -21.57
N MET B 162 -16.32 7.08 -20.65
CA MET B 162 -16.12 7.91 -19.48
C MET B 162 -15.72 9.33 -19.86
N MET B 163 -14.74 9.46 -20.76
CA MET B 163 -14.28 10.76 -21.23
C MET B 163 -15.33 11.45 -22.08
N GLY B 164 -15.88 10.72 -23.05
CA GLY B 164 -16.82 11.26 -24.02
C GLY B 164 -16.28 11.23 -25.44
N VAL B 165 -15.48 10.22 -25.76
CA VAL B 165 -14.97 10.03 -27.12
C VAL B 165 -15.86 9.04 -27.86
N PRO B 166 -16.29 9.34 -29.08
CA PRO B 166 -17.22 8.43 -29.78
C PRO B 166 -16.50 7.21 -30.32
N GLU B 167 -17.26 6.10 -30.42
CA GLU B 167 -16.68 4.83 -30.84
C GLU B 167 -15.89 5.00 -32.13
N PRO B 168 -16.37 5.77 -33.11
CA PRO B 168 -15.65 5.90 -34.39
C PRO B 168 -14.24 6.50 -34.27
N ASP B 169 -13.88 7.14 -33.17
CA ASP B 169 -12.59 7.81 -33.08
C ASP B 169 -11.62 7.07 -32.18
N HIS B 170 -12.04 5.92 -31.64
CA HIS B 170 -11.15 5.07 -30.88
C HIS B 170 -9.82 4.85 -31.58
N HIS B 171 -9.87 4.54 -32.88
CA HIS B 171 -8.65 4.22 -33.62
C HIS B 171 -7.62 5.34 -33.50
N LEU B 172 -8.08 6.59 -33.39
CA LEU B 172 -7.14 7.70 -33.29
C LEU B 172 -6.35 7.64 -32.00
N PHE B 173 -7.03 7.30 -30.91
CA PHE B 173 -6.39 7.27 -29.61
C PHE B 173 -5.47 6.06 -29.47
N TRP B 174 -5.75 4.95 -30.19
CA TRP B 174 -4.77 3.86 -30.22
C TRP B 174 -3.48 4.31 -30.89
N GLY B 175 -3.60 5.05 -31.99
CA GLY B 175 -2.41 5.46 -32.73
C GLY B 175 -1.55 6.41 -31.90
N TRP B 176 -2.17 7.40 -31.29
CA TRP B 176 -1.42 8.29 -30.41
C TRP B 176 -0.81 7.55 -29.23
N ALA B 177 -1.55 6.60 -28.64
CA ALA B 177 -1.01 5.88 -27.50
C ALA B 177 0.21 5.06 -27.91
N GLU B 178 0.14 4.42 -29.07
CA GLU B 178 1.23 3.55 -29.49
C GLU B 178 2.48 4.37 -29.80
N THR B 179 2.30 5.60 -30.28
CA THR B 179 3.47 6.47 -30.48
C THR B 179 4.14 6.79 -29.15
N ILE B 180 3.38 7.18 -28.13
CA ILE B 180 3.99 7.37 -26.81
C ILE B 180 4.76 6.13 -26.42
N LEU B 181 4.21 4.95 -26.72
CA LEU B 181 4.70 3.73 -26.09
C LEU B 181 5.73 2.99 -26.93
N SER B 182 6.06 3.48 -28.13
CA SER B 182 7.07 2.79 -28.94
C SER B 182 8.48 3.36 -28.67
N ASN B 183 9.43 2.46 -28.45
CA ASN B 183 10.83 2.78 -28.24
C ASN B 183 11.45 3.46 -29.47
N ASP B 184 10.89 3.31 -30.67
CA ASP B 184 11.41 3.94 -31.88
C ASP B 184 10.84 5.34 -32.11
N THR B 185 10.00 5.86 -31.22
CA THR B 185 9.42 7.19 -31.41
C THR B 185 10.48 8.27 -31.21
N THR B 186 10.49 9.22 -32.15
CA THR B 186 11.33 10.41 -32.24
C THR B 186 10.68 11.57 -31.51
N PRO B 187 11.43 12.59 -31.07
CA PRO B 187 10.75 13.79 -30.58
C PRO B 187 9.85 14.42 -31.64
N ASP B 188 10.30 14.49 -32.88
CA ASP B 188 9.44 14.93 -33.96
C ASP B 188 8.15 14.14 -34.03
N ASP B 189 8.21 12.83 -33.76
CA ASP B 189 6.99 12.02 -33.73
C ASP B 189 6.09 12.49 -32.60
N LEU B 190 6.67 12.75 -31.41
CA LEU B 190 5.89 13.31 -30.31
C LEU B 190 5.29 14.67 -30.66
N ILE B 191 6.00 15.45 -31.47
CA ILE B 191 5.46 16.75 -31.89
C ILE B 191 4.20 16.53 -32.72
N ARG B 192 4.28 15.62 -33.69
CA ARG B 192 3.13 15.35 -34.55
C ARG B 192 1.94 14.86 -33.73
N ARG B 193 2.17 13.89 -32.85
CA ARG B 193 1.12 13.44 -31.96
C ARG B 193 0.53 14.59 -31.17
N TYR B 194 1.39 15.37 -30.52
CA TYR B 194 0.90 16.53 -29.77
C TYR B 194 0.02 17.41 -30.65
N GLN B 195 0.49 17.71 -31.88
CA GLN B 195 -0.31 18.56 -32.76
C GLN B 195 -1.69 17.94 -33.04
N GLU B 196 -1.71 16.68 -33.46
CA GLU B 196 -2.96 16.03 -33.82
C GLU B 196 -3.88 15.90 -32.61
N PHE B 197 -3.30 15.53 -31.47
CA PHE B 197 -4.11 15.37 -30.26
C PHE B 197 -4.68 16.71 -29.82
N THR B 198 -3.84 17.74 -29.75
CA THR B 198 -4.29 19.04 -29.33
C THR B 198 -5.40 19.55 -30.24
N ALA B 199 -5.24 19.35 -31.55
CA ALA B 199 -6.31 19.72 -32.47
C ALA B 199 -7.59 19.00 -32.09
N TYR B 200 -7.52 17.68 -31.92
CA TYR B 200 -8.71 16.91 -31.60
C TYR B 200 -9.35 17.40 -30.31
N MET B 201 -8.54 17.60 -29.28
CA MET B 201 -9.07 18.05 -28.00
C MET B 201 -9.66 19.44 -28.13
N GLY B 202 -9.00 20.33 -28.88
CA GLY B 202 -9.54 21.67 -29.05
C GLY B 202 -10.94 21.66 -29.62
N ALA B 203 -11.18 20.85 -30.66
CA ALA B 203 -12.51 20.74 -31.22
C ALA B 203 -13.49 20.24 -30.18
N MET B 204 -13.12 19.24 -29.39
CA MET B 204 -14.07 18.72 -28.42
C MET B 204 -14.32 19.70 -27.30
N VAL B 205 -13.39 20.63 -27.05
CA VAL B 205 -13.66 21.69 -26.10
C VAL B 205 -14.69 22.67 -26.67
N GLU B 206 -14.50 23.10 -27.92
CA GLU B 206 -15.46 24.04 -28.48
C GLU B 206 -16.85 23.43 -28.45
N GLU B 207 -16.97 22.13 -28.76
CA GLU B 207 -18.26 21.46 -28.65
C GLU B 207 -18.85 21.59 -27.26
N ARG B 208 -18.05 21.33 -26.21
CA ARG B 208 -18.60 21.35 -24.86
C ARG B 208 -18.84 22.77 -24.35
N ARG B 209 -18.08 23.73 -24.88
CA ARG B 209 -18.35 25.14 -24.62
C ARG B 209 -19.76 25.53 -25.07
N ALA B 210 -20.20 25.00 -26.20
CA ALA B 210 -21.53 25.31 -26.74
C ALA B 210 -22.65 24.45 -26.15
N ARG B 211 -22.40 23.17 -25.95
CA ARG B 211 -23.36 22.22 -25.41
C ARG B 211 -22.67 21.44 -24.31
N PRO B 212 -22.73 21.91 -23.06
CA PRO B 212 -22.05 21.20 -21.98
C PRO B 212 -22.62 19.80 -21.82
N THR B 213 -21.72 18.81 -21.73
CA THR B 213 -22.06 17.41 -21.57
C THR B 213 -21.62 16.95 -20.18
N ASP B 214 -22.30 15.92 -19.67
CA ASP B 214 -21.94 15.35 -18.36
C ASP B 214 -21.02 14.14 -18.51
N ASP B 215 -19.84 14.38 -19.03
CA ASP B 215 -18.81 13.36 -19.07
C ASP B 215 -17.54 13.94 -18.46
N MET B 216 -16.42 13.23 -18.55
CA MET B 216 -15.22 13.77 -17.93
C MET B 216 -14.66 14.95 -18.71
N PHE B 217 -14.88 14.99 -20.04
CA PHE B 217 -14.47 16.16 -20.80
C PHE B 217 -15.23 17.39 -20.39
N GLY B 218 -16.56 17.27 -20.29
CA GLY B 218 -17.36 18.40 -19.85
C GLY B 218 -16.98 18.82 -18.46
N MET B 219 -16.60 17.86 -17.62
CA MET B 219 -16.13 18.16 -16.28
C MET B 219 -14.83 18.91 -16.33
N LEU B 220 -13.90 18.48 -17.17
CA LEU B 220 -12.64 19.21 -17.27
C LEU B 220 -12.86 20.59 -17.87
N VAL B 221 -13.75 20.72 -18.86
CA VAL B 221 -13.94 22.04 -19.46
C VAL B 221 -14.60 22.99 -18.46
N ARG B 222 -15.48 22.47 -17.61
CA ARG B 222 -16.04 23.32 -16.57
C ARG B 222 -14.98 23.71 -15.55
N ALA B 223 -14.05 22.81 -15.23
CA ALA B 223 -13.02 23.17 -14.26
C ALA B 223 -12.14 24.28 -14.83
N CYS B 224 -12.00 24.32 -16.14
CA CYS B 224 -11.24 25.39 -16.78
C CYS B 224 -12.08 26.66 -16.84
N ASP B 225 -13.20 26.59 -17.56
CA ASP B 225 -13.98 27.77 -17.90
C ASP B 225 -14.85 28.26 -16.72
N GLU B 226 -15.55 27.34 -16.06
CA GLU B 226 -16.53 27.76 -15.06
C GLU B 226 -15.92 28.07 -13.70
N GLU B 227 -14.75 27.51 -13.39
CA GLU B 227 -14.13 27.70 -12.09
C GLU B 227 -12.74 28.29 -12.12
N GLY B 228 -12.01 28.19 -13.23
CA GLY B 228 -10.63 28.58 -13.23
C GLY B 228 -9.76 27.66 -12.39
N ARG B 229 -10.25 26.46 -12.07
CA ARG B 229 -9.48 25.48 -11.32
C ARG B 229 -8.28 24.93 -12.10
N ILE B 230 -8.30 25.00 -13.43
CA ILE B 230 -7.15 24.58 -14.22
C ILE B 230 -7.04 25.49 -15.44
N THR B 231 -5.86 25.53 -16.04
CA THR B 231 -5.70 26.21 -17.31
C THR B 231 -6.13 25.32 -18.47
N GLU B 232 -6.09 25.86 -19.68
CA GLU B 232 -6.42 25.05 -20.83
C GLU B 232 -5.36 23.98 -21.00
N ILE B 233 -4.08 24.34 -20.92
CA ILE B 233 -3.08 23.33 -21.17
C ILE B 233 -3.12 22.25 -20.09
N GLU B 234 -3.55 22.58 -18.86
CA GLU B 234 -3.68 21.52 -17.86
C GLU B 234 -4.85 20.61 -18.20
N MET B 235 -5.94 21.21 -18.72
CA MET B 235 -7.09 20.45 -19.16
C MET B 235 -6.70 19.48 -20.25
N HIS B 236 -5.95 19.97 -21.23
CA HIS B 236 -5.43 19.08 -22.26
C HIS B 236 -4.53 18.01 -21.64
N ALA B 237 -3.67 18.40 -20.70
CA ALA B 237 -2.64 17.48 -20.25
C ALA B 237 -3.29 16.30 -19.54
N LEU B 238 -4.30 16.55 -18.73
CA LEU B 238 -4.95 15.45 -18.02
C LEU B 238 -5.71 14.54 -18.98
N ALA B 239 -6.40 15.15 -19.96
CA ALA B 239 -7.05 14.34 -20.98
C ALA B 239 -6.03 13.44 -21.68
N SER B 240 -4.88 13.99 -22.03
CA SER B 240 -3.84 13.23 -22.70
C SER B 240 -3.34 12.10 -21.81
N ASP B 241 -3.10 12.38 -20.53
CA ASP B 241 -2.66 11.34 -19.62
C ASP B 241 -3.64 10.17 -19.57
N LEU B 242 -4.93 10.46 -19.38
CA LEU B 242 -5.91 9.40 -19.21
C LEU B 242 -6.09 8.59 -20.50
N LEU B 243 -6.08 9.27 -21.64
CA LEU B 243 -6.36 8.60 -22.90
C LEU B 243 -5.13 7.93 -23.48
N SER B 244 -3.98 8.23 -22.93
CA SER B 244 -2.75 7.52 -23.24
C SER B 244 -2.56 6.29 -22.34
N ALA B 245 -2.80 6.44 -21.07
CA ALA B 245 -2.59 5.34 -20.13
C ALA B 245 -3.78 4.45 -19.95
N GLY B 246 -4.97 4.90 -20.34
CA GLY B 246 -6.19 4.36 -19.79
C GLY B 246 -6.72 3.10 -20.45
N PHE B 247 -6.23 2.69 -21.63
CA PHE B 247 -6.77 1.45 -22.21
C PHE B 247 -5.70 0.50 -22.74
N VAL B 248 -4.53 1.00 -23.17
CA VAL B 248 -3.51 0.07 -23.67
C VAL B 248 -2.98 -0.82 -22.53
N SER B 249 -2.89 -0.26 -21.34
CA SER B 249 -2.57 -1.01 -20.13
C SER B 249 -3.44 -2.25 -19.96
N THR B 250 -4.74 -2.05 -19.74
CA THR B 250 -5.60 -3.16 -19.39
C THR B 250 -5.75 -4.11 -20.56
N ALA B 251 -5.66 -3.61 -21.79
CA ALA B 251 -5.71 -4.49 -22.93
C ALA B 251 -4.60 -5.51 -22.90
N HIS B 252 -3.36 -5.03 -22.70
CA HIS B 252 -2.24 -5.94 -22.55
C HIS B 252 -2.49 -6.91 -21.41
N GLN B 253 -2.95 -6.40 -20.25
CA GLN B 253 -3.07 -7.27 -19.09
C GLN B 253 -4.19 -8.31 -19.26
N ILE B 254 -5.31 -7.93 -19.87
CA ILE B 254 -6.35 -8.92 -20.13
C ILE B 254 -5.75 -10.13 -20.84
N ALA B 255 -4.93 -9.88 -21.87
CA ALA B 255 -4.36 -11.02 -22.62
C ALA B 255 -3.23 -11.71 -21.81
N ASN B 256 -2.39 -10.91 -21.12
CA ASN B 256 -1.35 -11.52 -20.29
C ASN B 256 -1.99 -12.43 -19.24
N PHE B 257 -3.06 -11.98 -18.60
CA PHE B 257 -3.65 -12.78 -17.54
C PHE B 257 -4.31 -14.05 -18.07
N THR B 258 -5.07 -13.94 -19.16
CA THR B 258 -5.66 -15.13 -19.78
C THR B 258 -4.60 -16.12 -20.20
N ALA B 259 -3.53 -15.63 -20.84
CA ALA B 259 -2.47 -16.52 -21.28
C ALA B 259 -1.84 -17.25 -20.11
N MET B 260 -1.52 -16.51 -19.03
CA MET B 260 -1.02 -17.15 -17.81
C MET B 260 -1.96 -18.22 -17.32
N LEU B 261 -3.26 -17.91 -17.28
CA LEU B 261 -4.21 -18.92 -16.79
C LEU B 261 -4.32 -20.11 -17.75
N LEU B 262 -4.37 -19.84 -19.06
CA LEU B 262 -4.59 -20.94 -20.00
C LEU B 262 -3.42 -21.89 -20.04
N ALA B 263 -2.22 -21.41 -19.72
CA ALA B 263 -1.02 -22.24 -19.74
C ALA B 263 -0.95 -23.22 -18.55
N ARG B 264 -1.91 -23.19 -17.68
CA ARG B 264 -1.96 -24.06 -16.52
C ARG B 264 -2.78 -25.31 -16.80
N PRO B 265 -2.39 -26.45 -16.21
CA PRO B 265 -3.14 -27.68 -16.44
C PRO B 265 -4.64 -27.50 -16.27
N GLU B 266 -5.08 -26.86 -15.20
CA GLU B 266 -6.50 -26.73 -14.92
C GLU B 266 -7.09 -25.52 -15.62
N ARG B 267 -6.27 -24.67 -16.25
CA ARG B 267 -6.77 -23.48 -16.94
C ARG B 267 -7.70 -22.68 -16.05
N LEU B 268 -8.94 -22.43 -16.49
CA LEU B 268 -9.85 -21.57 -15.77
C LEU B 268 -10.58 -22.30 -14.66
N GLN B 269 -10.50 -23.63 -14.61
CA GLN B 269 -11.39 -24.41 -13.75
C GLN B 269 -11.41 -23.98 -12.30
N PRO B 270 -10.28 -23.66 -11.68
CA PRO B 270 -10.37 -23.26 -10.26
C PRO B 270 -11.22 -22.00 -10.07
N LEU B 271 -11.13 -21.03 -10.97
CA LEU B 271 -11.95 -19.82 -10.87
C LEU B 271 -13.39 -20.06 -11.30
N VAL B 272 -13.60 -21.01 -12.22
CA VAL B 272 -14.95 -21.51 -12.45
C VAL B 272 -15.54 -22.04 -11.15
N ASP B 273 -14.77 -22.89 -10.46
CA ASP B 273 -15.30 -23.55 -9.26
C ASP B 273 -15.41 -22.60 -8.08
N LYS B 274 -14.45 -21.69 -7.92
CA LYS B 274 -14.42 -20.78 -6.78
C LYS B 274 -14.42 -19.33 -7.28
N PRO B 275 -15.55 -18.87 -7.81
CA PRO B 275 -15.60 -17.49 -8.33
C PRO B 275 -15.25 -16.48 -7.28
N GLU B 276 -15.43 -16.83 -6.02
CA GLU B 276 -15.09 -15.87 -4.96
C GLU B 276 -13.59 -15.54 -4.97
N GLN B 277 -12.75 -16.37 -5.61
CA GLN B 277 -11.29 -16.18 -5.65
C GLN B 277 -10.81 -15.32 -6.81
N ILE B 278 -11.72 -14.83 -7.64
CA ILE B 278 -11.31 -14.03 -8.80
C ILE B 278 -10.56 -12.76 -8.40
N PRO B 279 -11.06 -11.95 -7.46
CA PRO B 279 -10.27 -10.76 -7.04
C PRO B 279 -8.86 -11.11 -6.57
N ALA B 280 -8.70 -12.19 -5.80
CA ALA B 280 -7.37 -12.54 -5.33
C ALA B 280 -6.47 -13.01 -6.46
N ALA B 281 -7.03 -13.70 -7.44
CA ALA B 281 -6.27 -14.09 -8.62
C ALA B 281 -5.75 -12.89 -9.39
N VAL B 282 -6.60 -11.86 -9.54
CA VAL B 282 -6.19 -10.63 -10.23
C VAL B 282 -4.99 -10.01 -9.55
N GLU B 283 -5.06 -9.88 -8.22
CA GLU B 283 -3.91 -9.36 -7.48
C GLU B 283 -2.67 -10.21 -7.69
N GLU B 284 -2.81 -11.55 -7.64
CA GLU B 284 -1.60 -12.36 -7.82
C GLU B 284 -1.06 -12.21 -9.23
N LEU B 285 -1.94 -12.24 -10.24
CA LEU B 285 -1.47 -11.97 -11.59
C LEU B 285 -0.78 -10.61 -11.68
N MET B 286 -1.34 -9.59 -11.01
CA MET B 286 -0.69 -8.27 -11.02
C MET B 286 0.69 -8.31 -10.41
N ARG B 287 0.87 -9.12 -9.37
CA ARG B 287 2.20 -9.27 -8.80
C ARG B 287 3.13 -10.03 -9.73
N HIS B 288 2.63 -11.09 -10.36
CA HIS B 288 3.51 -12.01 -11.10
C HIS B 288 3.88 -11.50 -12.51
N VAL B 289 2.95 -10.84 -13.20
CA VAL B 289 3.23 -10.50 -14.59
C VAL B 289 4.24 -9.36 -14.67
N PRO B 290 5.39 -9.54 -15.36
CA PRO B 290 6.20 -8.34 -15.68
C PRO B 290 5.61 -7.56 -16.84
N ILE B 291 4.77 -6.56 -16.54
CA ILE B 291 4.07 -5.88 -17.62
C ILE B 291 5.02 -5.01 -18.45
N LEU B 292 6.15 -4.59 -17.88
CA LEU B 292 7.03 -3.64 -18.55
C LEU B 292 8.23 -4.35 -19.18
N SER B 293 8.42 -4.11 -20.47
CA SER B 293 9.56 -4.55 -21.23
C SER B 293 10.80 -3.71 -20.93
N GLY B 294 10.64 -2.46 -20.55
CA GLY B 294 11.73 -1.61 -20.10
C GLY B 294 11.56 -1.12 -18.66
N PHE B 295 11.13 0.12 -18.51
CA PHE B 295 10.95 0.69 -17.19
C PHE B 295 10.27 2.05 -17.34
N SER B 296 9.77 2.53 -16.22
CA SER B 296 8.96 3.73 -16.15
C SER B 296 9.84 4.94 -15.86
N PHE B 297 9.26 6.03 -15.35
CA PHE B 297 10.04 7.23 -15.10
C PHE B 297 11.14 6.99 -14.05
N PRO B 298 12.40 7.32 -14.36
CA PRO B 298 13.41 7.40 -13.30
C PRO B 298 13.03 8.49 -12.31
N ARG B 299 13.54 8.35 -11.08
CA ARG B 299 13.40 9.41 -10.09
C ARG B 299 14.80 9.86 -9.69
N TYR B 300 14.92 11.06 -9.10
CA TYR B 300 16.23 11.63 -8.84
C TYR B 300 16.31 12.08 -7.40
N ALA B 301 17.44 11.78 -6.76
CA ALA B 301 17.64 12.21 -5.40
C ALA B 301 17.69 13.74 -5.34
N THR B 302 16.90 14.29 -4.43
CA THR B 302 16.94 15.71 -4.13
C THR B 302 18.01 16.02 -3.08
N GLU B 303 18.67 15.00 -2.56
CA GLU B 303 19.65 15.12 -1.50
C GLU B 303 20.33 13.77 -1.39
N ASP B 304 21.60 13.78 -1.01
CA ASP B 304 22.33 12.55 -0.75
C ASP B 304 21.54 11.65 0.18
N LEU B 305 21.55 10.35 -0.12
CA LEU B 305 20.82 9.40 0.70
C LEU B 305 21.37 8.01 0.44
N GLU B 306 21.14 7.13 1.39
CA GLU B 306 21.64 5.77 1.36
C GLU B 306 20.53 4.81 0.92
N MET B 307 20.92 3.80 0.14
CA MET B 307 20.02 2.79 -0.40
C MET B 307 20.86 1.55 -0.73
N SER B 308 20.53 0.43 -0.11
CA SER B 308 21.19 -0.85 -0.31
C SER B 308 22.70 -0.69 -0.45
N GLY B 309 23.30 -0.08 0.57
CA GLY B 309 24.75 -0.04 0.71
C GLY B 309 25.47 1.03 -0.10
N VAL B 310 24.75 1.93 -0.74
CA VAL B 310 25.32 2.90 -1.65
C VAL B 310 24.80 4.29 -1.32
N THR B 311 25.67 5.29 -1.35
CA THR B 311 25.25 6.66 -1.21
C THR B 311 24.83 7.16 -2.58
N VAL B 312 23.56 7.50 -2.71
CA VAL B 312 23.00 8.05 -3.93
C VAL B 312 23.06 9.56 -3.82
N ARG B 313 23.80 10.18 -4.72
CA ARG B 313 24.09 11.59 -4.65
C ARG B 313 22.94 12.43 -5.17
N ARG B 314 22.80 13.62 -4.58
CA ARG B 314 21.86 14.60 -5.11
C ARG B 314 21.97 14.66 -6.63
N GLY B 315 20.82 14.55 -7.28
CA GLY B 315 20.75 14.60 -8.71
C GLY B 315 20.78 13.26 -9.42
N GLU B 316 21.33 12.21 -8.81
CA GLU B 316 21.50 10.96 -9.52
C GLU B 316 20.17 10.21 -9.65
N ALA B 317 20.06 9.41 -10.71
CA ALA B 317 18.83 8.73 -11.11
C ALA B 317 18.78 7.30 -10.57
N VAL B 318 17.57 6.89 -10.14
CA VAL B 318 17.28 5.55 -9.67
C VAL B 318 16.00 5.09 -10.35
N ILE B 319 16.05 3.97 -11.04
CA ILE B 319 14.89 3.42 -11.75
C ILE B 319 14.14 2.52 -10.79
N PRO B 320 12.84 2.71 -10.61
CA PRO B 320 12.13 1.73 -9.76
C PRO B 320 11.64 0.51 -10.54
N VAL B 321 12.24 -0.67 -10.37
CA VAL B 321 11.93 -1.83 -11.18
C VAL B 321 10.80 -2.57 -10.44
N ILE B 322 9.58 -2.31 -10.87
CA ILE B 322 8.45 -2.80 -10.07
C ILE B 322 8.24 -4.31 -10.24
N ALA B 323 8.69 -4.85 -11.36
CA ALA B 323 8.57 -6.32 -11.51
C ALA B 323 9.52 -7.08 -10.55
N ALA B 324 10.68 -6.51 -10.31
CA ALA B 324 11.65 -7.12 -9.42
C ALA B 324 11.18 -7.00 -7.97
N ALA B 325 10.73 -5.82 -7.59
CA ALA B 325 10.06 -5.64 -6.31
C ALA B 325 8.98 -6.68 -6.09
N ASN B 326 8.19 -6.98 -7.12
CA ASN B 326 7.08 -7.92 -6.97
C ASN B 326 7.53 -9.37 -6.86
N ARG B 327 8.85 -9.65 -6.99
CA ARG B 327 9.40 -11.00 -6.78
C ARG B 327 10.50 -10.98 -5.71
N ASP B 328 10.50 -9.95 -4.86
CA ASP B 328 11.51 -9.83 -3.81
C ASP B 328 11.51 -11.12 -2.99
N PRO B 329 12.65 -11.81 -2.88
CA PRO B 329 12.61 -13.16 -2.31
C PRO B 329 12.26 -13.15 -0.87
N ASP B 330 12.47 -12.03 -0.18
CA ASP B 330 12.16 -11.97 1.24
C ASP B 330 10.72 -11.61 1.52
N VAL B 331 10.15 -10.74 0.68
CA VAL B 331 8.75 -10.42 0.81
C VAL B 331 7.89 -11.60 0.36
N TYR B 332 8.24 -12.21 -0.76
CA TYR B 332 7.41 -13.28 -1.34
C TYR B 332 8.13 -14.63 -1.41
N PRO B 333 7.87 -15.55 -0.50
CA PRO B 333 8.47 -16.88 -0.65
C PRO B 333 8.05 -17.51 -1.96
N ASP B 334 9.00 -18.21 -2.61
CA ASP B 334 8.70 -18.89 -3.85
C ASP B 334 8.09 -17.88 -4.82
N ALA B 335 8.82 -16.79 -5.02
CA ALA B 335 8.25 -15.63 -5.73
C ALA B 335 7.89 -15.95 -7.18
N GLY B 336 8.60 -16.87 -7.80
CA GLY B 336 8.35 -17.23 -9.18
C GLY B 336 7.06 -18.02 -9.38
N ARG B 337 6.48 -18.58 -8.34
CA ARG B 337 5.31 -19.43 -8.51
C ARG B 337 4.06 -18.56 -8.55
N LEU B 338 3.21 -18.81 -9.55
CA LEU B 338 1.88 -18.23 -9.65
C LEU B 338 0.92 -18.98 -8.73
N ASP B 339 0.60 -18.35 -7.60
CA ASP B 339 -0.25 -18.94 -6.57
C ASP B 339 -1.47 -18.05 -6.44
N LEU B 340 -2.60 -18.51 -6.96
CA LEU B 340 -3.73 -17.60 -7.01
C LEU B 340 -4.35 -17.41 -5.63
N GLU B 341 -3.87 -18.11 -4.61
CA GLU B 341 -4.36 -17.96 -3.24
C GLU B 341 -3.41 -17.18 -2.32
N ARG B 342 -2.19 -16.86 -2.76
CA ARG B 342 -1.29 -15.99 -2.02
C ARG B 342 -2.03 -14.68 -1.60
N ASN B 343 -2.20 -14.45 -0.30
CA ASN B 343 -2.53 -13.07 0.09
C ASN B 343 -1.27 -12.31 0.50
N GLY B 344 -0.51 -12.02 -0.51
CA GLY B 344 0.82 -11.56 -0.33
C GLY B 344 0.78 -10.16 0.16
N LEU B 345 1.87 -9.77 0.79
CA LEU B 345 2.12 -8.37 1.07
C LEU B 345 1.77 -7.56 -0.17
N PRO B 346 1.34 -6.33 -0.02
CA PRO B 346 0.80 -5.56 -1.14
C PRO B 346 1.80 -5.38 -2.28
N HIS B 347 1.45 -5.77 -3.51
CA HIS B 347 2.39 -5.70 -4.63
C HIS B 347 2.51 -4.27 -5.09
N LEU B 348 3.50 -4.04 -5.94
CA LEU B 348 3.73 -2.71 -6.45
C LEU B 348 3.38 -2.56 -7.91
N GLY B 349 2.52 -3.45 -8.42
CA GLY B 349 2.12 -3.45 -9.79
C GLY B 349 1.30 -2.26 -10.21
N PHE B 350 0.73 -1.48 -9.25
CA PHE B 350 0.11 -0.20 -9.62
C PHE B 350 1.00 0.96 -9.16
N GLY B 351 2.24 0.67 -8.79
CA GLY B 351 3.12 1.67 -8.23
C GLY B 351 2.83 1.90 -6.75
N GLN B 352 3.16 3.12 -6.30
CA GLN B 352 3.11 3.52 -4.91
C GLN B 352 3.44 5.01 -4.82
N GLY B 353 3.07 5.60 -3.70
CA GLY B 353 3.31 7.01 -3.48
C GLY B 353 2.45 7.88 -4.35
N PRO B 354 2.93 9.08 -4.68
CA PRO B 354 2.08 10.04 -5.38
C PRO B 354 1.58 9.59 -6.74
N HIS B 355 2.42 8.94 -7.56
CA HIS B 355 2.04 8.51 -8.90
C HIS B 355 1.40 7.12 -8.94
N PHE B 356 1.05 6.55 -7.79
CA PHE B 356 0.20 5.35 -7.75
C PHE B 356 -0.97 5.48 -8.72
N CYS B 357 -1.19 4.42 -9.51
CA CYS B 357 -2.13 4.46 -10.63
C CYS B 357 -3.48 5.04 -10.25
N ILE B 358 -3.81 6.18 -10.87
CA ILE B 358 -5.15 6.75 -10.67
C ILE B 358 -6.23 5.77 -11.15
N GLY B 359 -5.91 4.91 -12.10
CA GLY B 359 -6.93 4.01 -12.59
C GLY B 359 -6.99 2.67 -11.87
N ALA B 360 -6.40 2.58 -10.69
CA ALA B 360 -6.12 1.23 -10.18
C ALA B 360 -7.41 0.46 -9.92
N HIS B 361 -8.41 1.16 -9.41
CA HIS B 361 -9.63 0.46 -9.10
C HIS B 361 -10.41 0.08 -10.36
N LEU B 362 -10.42 0.97 -11.35
CA LEU B 362 -11.00 0.69 -12.65
C LEU B 362 -10.29 -0.51 -13.29
N ALA B 363 -8.96 -0.55 -13.23
CA ALA B 363 -8.23 -1.71 -13.73
C ALA B 363 -8.62 -3.01 -13.01
N ARG B 364 -8.74 -2.95 -11.68
CA ARG B 364 -9.19 -4.13 -10.95
C ARG B 364 -10.60 -4.53 -11.36
N VAL B 365 -11.49 -3.56 -11.55
CA VAL B 365 -12.85 -3.93 -11.96
C VAL B 365 -12.82 -4.60 -13.32
N GLU B 366 -12.16 -3.97 -14.28
CA GLU B 366 -12.09 -4.54 -15.62
C GLU B 366 -11.51 -5.97 -15.59
N LEU B 367 -10.44 -6.17 -14.85
CA LEU B 367 -9.80 -7.50 -14.86
C LEU B 367 -10.67 -8.51 -14.13
N GLN B 368 -11.31 -8.10 -13.03
CA GLN B 368 -12.18 -9.03 -12.33
C GLN B 368 -13.35 -9.43 -13.22
N VAL B 369 -13.94 -8.45 -13.88
CA VAL B 369 -15.11 -8.69 -14.71
C VAL B 369 -14.76 -9.59 -15.88
N VAL B 370 -13.62 -9.36 -16.52
CA VAL B 370 -13.21 -10.24 -17.61
C VAL B 370 -13.19 -11.68 -17.12
N LEU B 371 -12.48 -11.94 -16.02
CA LEU B 371 -12.37 -13.32 -15.55
C LEU B 371 -13.72 -13.89 -15.15
N GLU B 372 -14.60 -13.06 -14.59
CA GLU B 372 -15.96 -13.53 -14.29
C GLU B 372 -16.64 -13.97 -15.59
N ALA B 373 -16.62 -13.10 -16.60
CA ALA B 373 -17.26 -13.39 -17.87
C ALA B 373 -16.66 -14.59 -18.56
N LEU B 374 -15.31 -14.72 -18.57
CA LEU B 374 -14.73 -15.89 -19.21
C LEU B 374 -15.05 -17.17 -18.45
N THR B 375 -15.09 -17.13 -17.13
CA THR B 375 -15.30 -18.37 -16.41
C THR B 375 -16.74 -18.81 -16.54
N GLU B 376 -17.64 -17.83 -16.52
CA GLU B 376 -19.06 -18.14 -16.60
C GLU B 376 -19.46 -18.59 -18.01
N ARG B 377 -18.91 -17.95 -19.04
CA ARG B 377 -19.34 -18.24 -20.41
C ARG B 377 -18.48 -19.26 -21.17
N PHE B 378 -17.19 -19.31 -20.89
CA PHE B 378 -16.29 -20.25 -21.57
C PHE B 378 -15.44 -20.99 -20.57
N PRO B 379 -16.08 -21.72 -19.67
CA PRO B 379 -15.34 -22.40 -18.61
C PRO B 379 -14.25 -23.30 -19.11
N ASP B 380 -14.39 -23.88 -20.29
CA ASP B 380 -13.39 -24.78 -20.81
C ASP B 380 -12.45 -24.09 -21.80
N LEU B 381 -12.41 -22.75 -21.78
CA LEU B 381 -11.49 -22.00 -22.63
C LEU B 381 -10.09 -22.61 -22.62
N ARG B 382 -9.45 -22.55 -23.78
CA ARG B 382 -8.10 -23.09 -23.94
C ARG B 382 -7.40 -22.35 -25.05
N PHE B 383 -6.08 -22.50 -25.13
CA PHE B 383 -5.31 -21.92 -26.22
C PHE B 383 -5.84 -22.46 -27.53
N GLY B 384 -5.86 -21.60 -28.54
CA GLY B 384 -6.28 -21.97 -29.87
C GLY B 384 -5.13 -22.21 -30.81
N ILE B 385 -3.90 -22.15 -30.32
CA ILE B 385 -2.71 -22.59 -31.04
C ILE B 385 -1.82 -23.29 -30.02
N PRO B 386 -0.78 -23.99 -30.43
CA PRO B 386 0.22 -24.47 -29.47
C PRO B 386 0.89 -23.32 -28.76
N GLU B 387 1.11 -23.50 -27.46
CA GLU B 387 1.59 -22.42 -26.64
C GLU B 387 2.86 -21.79 -27.22
N ASN B 388 3.72 -22.62 -27.81
CA ASN B 388 5.01 -22.08 -28.24
C ASN B 388 4.92 -21.23 -29.50
N ALA B 389 3.78 -21.27 -30.19
CA ALA B 389 3.55 -20.39 -31.34
C ALA B 389 2.93 -19.05 -30.95
N LEU B 390 2.65 -18.82 -29.67
CA LEU B 390 2.14 -17.50 -29.26
C LEU B 390 3.14 -16.44 -29.68
N LYS B 391 2.64 -15.33 -30.22
CA LYS B 391 3.51 -14.27 -30.76
C LYS B 391 3.67 -13.14 -29.75
N TRP B 392 4.68 -13.27 -28.89
CA TRP B 392 4.99 -12.26 -27.89
C TRP B 392 5.61 -11.04 -28.55
N LYS B 393 5.28 -9.86 -28.02
CA LYS B 393 5.73 -8.63 -28.62
C LYS B 393 7.19 -8.38 -28.34
N ARG B 394 7.82 -7.60 -29.23
CA ARG B 394 9.11 -6.96 -28.98
C ARG B 394 8.98 -5.47 -29.32
N GLY B 395 9.91 -4.69 -28.78
CA GLY B 395 9.97 -3.27 -29.07
C GLY B 395 8.83 -2.42 -28.52
N HIS B 396 7.84 -3.04 -27.88
CA HIS B 396 6.76 -2.31 -27.24
C HIS B 396 7.18 -1.96 -25.81
N PHE B 397 6.62 -0.86 -25.30
CA PHE B 397 6.85 -0.51 -23.90
C PHE B 397 6.46 -1.69 -23.01
N MET B 398 5.38 -2.38 -23.36
CA MET B 398 4.85 -3.43 -22.50
C MET B 398 5.05 -4.83 -23.09
N ASN B 399 5.18 -5.80 -22.21
CA ASN B 399 5.10 -7.19 -22.60
C ASN B 399 3.65 -7.55 -22.81
N GLY B 400 3.39 -8.19 -23.96
CA GLY B 400 2.09 -8.71 -24.25
C GLY B 400 2.10 -9.56 -25.51
N LEU B 401 0.91 -9.81 -26.02
CA LEU B 401 0.72 -10.67 -27.16
C LEU B 401 0.21 -9.88 -28.34
N HIS B 402 0.72 -10.22 -29.53
CA HIS B 402 0.15 -9.69 -30.76
C HIS B 402 -1.25 -10.25 -30.98
N GLU B 403 -1.40 -11.54 -30.73
CA GLU B 403 -2.69 -12.20 -30.80
C GLU B 403 -2.75 -13.23 -29.70
N LEU B 404 -3.99 -13.60 -29.32
CA LEU B 404 -4.26 -14.62 -28.33
C LEU B 404 -5.42 -15.47 -28.86
N PRO B 405 -5.13 -16.38 -29.79
CA PRO B 405 -6.16 -17.35 -30.21
C PRO B 405 -6.62 -18.19 -29.05
N VAL B 406 -7.94 -18.22 -28.86
CA VAL B 406 -8.55 -19.05 -27.82
C VAL B 406 -9.59 -19.96 -28.45
N ALA B 407 -9.88 -21.05 -27.75
CA ALA B 407 -10.86 -22.04 -28.21
C ALA B 407 -11.73 -22.51 -27.05
N TRP B 408 -12.93 -22.91 -27.42
CA TRP B 408 -14.01 -23.32 -26.52
C TRP B 408 -14.85 -24.23 -27.44
CHA HEM C . 3.55 3.62 13.48
CHB HEM C . 0.23 0.03 13.66
CHC HEM C . 3.58 -2.82 15.69
CHD HEM C . 6.75 0.81 15.73
C1A HEM C . 2.38 2.88 13.30
C2A HEM C . 1.14 3.33 12.66
C3A HEM C . 0.27 2.33 12.71
C4A HEM C . 0.87 1.24 13.40
CMA HEM C . -1.16 2.30 12.14
CAA HEM C . 0.86 4.69 11.99
CBA HEM C . 0.11 5.67 12.91
CGA HEM C . -0.12 7.03 12.23
O1A HEM C . 0.33 7.23 11.06
O2A HEM C . -0.72 7.95 12.85
C1B HEM C . 0.82 -1.06 14.28
C2B HEM C . 0.19 -2.31 14.69
C3B HEM C . 1.15 -3.05 15.27
C4B HEM C . 2.38 -2.34 15.21
CMB HEM C . -1.31 -2.66 14.50
CAB HEM C . 1.10 -4.46 15.84
CBB HEM C . 0.06 -5.22 15.59
C1C HEM C . 4.74 -2.13 15.79
C2C HEM C . 6.02 -2.70 16.14
C3C HEM C . 6.90 -1.71 16.15
C4C HEM C . 6.21 -0.46 15.81
CMC HEM C . 6.30 -4.23 16.42
CAC HEM C . 8.39 -2.02 16.47
CBC HEM C . 9.38 -1.19 16.22
C1D HEM C . 6.18 1.91 15.14
C2D HEM C . 6.76 3.22 14.97
C3D HEM C . 5.89 4.02 14.32
C4D HEM C . 4.70 3.22 14.08
CMD HEM C . 8.19 3.63 15.43
CAD HEM C . 6.12 5.51 13.92
CBD HEM C . 6.58 5.49 12.47
CGD HEM C . 6.89 6.87 11.93
O1D HEM C . 7.86 7.01 11.13
O2D HEM C . 6.22 7.83 12.34
NA HEM C . 2.15 1.60 13.75
NB HEM C . 2.14 -1.13 14.63
NC HEM C . 4.89 -0.78 15.60
ND HEM C . 4.93 1.99 14.60
FE HEM C . 3.63 0.30 14.44
HHB HEM C . -0.71 -0.05 13.40
HHC HEM C . 3.59 -3.76 15.98
HHD HEM C . 7.63 0.94 16.14
HMA HEM C . -1.53 1.41 12.23
HMAA HEM C . -1.15 2.56 11.20
HMAB HEM C . -1.73 2.93 12.65
HAA HEM C . 0.32 4.52 11.20
HAAA HEM C . 1.71 5.08 11.73
HBA HEM C . 0.64 5.82 13.71
HBAA HEM C . -0.75 5.30 13.15
HMB HEM C . -1.83 -1.86 14.36
HMBA HEM C . -1.64 -3.11 15.30
HMBB HEM C . -1.41 -3.25 13.74
HAB HEM C . 1.83 -4.79 16.39
HBB HEM C . 0.01 -6.12 15.96
HBBA HEM C . -0.66 -4.88 15.05
HMC HEM C . 7.26 -4.38 16.43
HMCA HEM C . 5.90 -4.76 15.72
HMCB HEM C . 5.92 -4.48 17.27
HAC HEM C . 8.59 -2.87 16.88
HBC HEM C . 10.29 -1.43 16.45
HBCA HEM C . 9.20 -0.33 15.82
HMD HEM C . 8.40 4.51 15.07
HMDA HEM C . 8.83 2.97 15.09
HMDB HEM C . 8.22 3.65 16.41
HAD HEM C . 6.80 5.91 14.48
HADA HEM C . 5.30 6.02 13.99
HBD HEM C . 5.88 5.10 11.93
HBDA HEM C . 7.39 4.94 12.41
HHA HEM C . 3.55 4.53 13.11
C1 E8T D . 1.58 6.88 19.70
C2 E8T D . 1.98 5.47 20.13
C3 E8T D . 1.62 7.90 20.81
C4 E8T D . 3.37 5.45 20.79
C6 E8T D . 6.03 7.06 21.47
O5 E8T D . 5.33 7.00 22.50
C7 E8T D . 5.57 6.54 20.16
C8 E8T D . 4.46 5.88 19.83
C9 E8T D . 7.09 9.58 23.02
C10 E8T D . 7.78 8.28 22.67
N11 E8T D . 7.23 7.65 21.47
C12 E8T D . 7.36 10.68 22.00
C13 E8T D . 2.77 9.87 21.94
C14 E8T D . 2.57 8.82 20.95
C15 E8T D . 4.24 11.58 23.13
C16 E8T D . 3.91 10.68 21.99
N17 E8T D . 5.46 12.02 22.90
C18 E8T D . 6.13 11.53 21.71
C19 E8T D . 4.99 10.73 21.06
O20 E8T D . 3.56 11.91 24.08
O21 E8T D . 5.09 10.19 19.98
C22 E8T D . 1.95 4.54 18.89
C23 E8T D . 0.54 4.62 18.29
C24 E8T D . 0.17 6.02 17.79
C25 E8T D . 0.30 7.06 18.88
C26 E8T D . 2.12 3.07 19.17
C27 E8T D . 1.58 2.42 17.88
C28 E8T D . 0.63 3.46 17.27
C29 E8T D . 0.71 1.18 18.19
C30 E8T D . -0.36 1.27 17.10
C31 E8T D . -0.73 2.76 17.12
O32 E8T D . -1.18 6.01 17.35
C33 E8T D . -1.52 3.22 15.92
C34 E8T D . -1.63 0.44 17.28
O35 E8T D . 1.89 9.95 22.88
C36 E8T D . -1.38 -0.96 17.65
HC1 E8T D . 2.36 7.20 19.01
HC2 E8T D . 1.26 5.08 20.85
HC3 E8T D . 0.82 7.85 21.54
HC4A E8T D . 3.59 4.45 21.17
HC4B E8T D . 3.37 6.08 21.68
HC7 E8T D . 6.26 6.74 19.34
HC8 E8T D . 4.28 5.60 18.79
HC9A E8T D . 7.38 9.91 24.02
HC9B E8T D . 6.01 9.42 23.12
H10A E8T D . 7.71 7.58 23.51
H10B E8T D . 8.85 8.46 22.52
HN11 E8T D . 7.79 7.68 20.63
H12B E8T D . 8.18 11.31 22.35
H12A E8T D . 7.76 10.24 21.09
HC14 E8T D . 3.36 8.85 20.22
HN17 E8T D . 5.95 12.66 23.52
HC18 E8T D . 6.41 12.38 21.09
HC22 E8T D . 2.71 4.88 18.18
HC23 E8T D . -0.22 4.38 19.04
HC24 E8T D . 0.83 6.27 16.96
H25B E8T D . 0.28 8.06 18.44
H25A E8T D . -0.57 7.04 19.54
H26B E8T D . 3.16 2.79 19.36
H26A E8T D . 1.57 2.73 20.05
HC27 E8T D . 2.38 2.20 17.18
HC28 E8T D . 1.04 3.78 16.31
H29B E8T D . 0.29 1.21 19.19
H29A E8T D . 1.28 0.26 18.14
HC30 E8T D . 0.15 0.92 16.20
HC31 E8T D . -1.34 2.95 18.00
HO32 E8T D . -1.43 6.96 17.20
H33C E8T D . -0.96 3.10 14.99
H33B E8T D . -1.80 4.27 16.00
H33A E8T D . -2.45 2.65 15.81
H34B E8T D . -2.26 0.92 18.03
H34A E8T D . -2.21 0.48 16.36
HO35 E8T D . 1.20 9.23 22.82
H36C E8T D . -1.62 -1.14 18.70
H36A E8T D . -0.33 -1.23 17.51
H36B E8T D . -1.98 -1.64 17.06
NA NA E . -1.59 -17.11 3.07
CHA HEM F . 0.29 5.37 -13.34
CHB HEM F . 0.15 0.53 -13.81
CHC HEM F . -4.19 0.86 -15.87
CHD HEM F . -3.96 5.65 -15.65
C1A HEM F . 0.62 4.03 -13.22
C2A HEM F . 1.80 3.46 -12.62
C3A HEM F . 1.73 2.13 -12.73
C4A HEM F . 0.53 1.81 -13.44
CMA HEM F . 2.81 1.15 -12.22
CAA HEM F . 2.92 4.22 -11.90
CBA HEM F . 4.18 4.27 -12.77
CGA HEM F . 5.26 5.11 -12.10
O1A HEM F . 4.99 5.67 -11.02
O2A HEM F . 6.35 5.30 -12.70
C1B HEM F . -1.02 0.17 -14.44
C2B HEM F . -1.46 -1.17 -14.81
C3B HEM F . -2.67 -1.01 -15.37
C4B HEM F . -3.00 0.37 -15.37
CMB HEM F . -0.71 -2.53 -14.61
CAB HEM F . -3.67 -2.03 -15.95
CBB HEM F . -3.73 -3.28 -15.45
C1C HEM F . -4.59 2.14 -15.88
C2C HEM F . -5.93 2.65 -16.16
C3C HEM F . -5.87 3.97 -16.10
C4C HEM F . -4.50 4.37 -15.80
CMC HEM F . -7.20 1.78 -16.48
CAC HEM F . -7.06 4.89 -16.33
CBC HEM F . -6.96 6.18 -16.08
C1D HEM F . -2.75 5.99 -15.06
C2D HEM F . -2.24 7.33 -14.87
C3D HEM F . -1.05 7.26 -14.22
C4D HEM F . -0.80 5.87 -13.99
CMD HEM F . -2.91 8.65 -15.32
CAD HEM F . -0.15 8.42 -13.76
CBD HEM F . -0.72 8.89 -12.42
CGD HEM F . 0.12 10.00 -11.81
O1D HEM F . -0.36 10.73 -10.90
O2D HEM F . 1.31 10.14 -12.21
NA HEM F . -0.14 3.00 -13.72
NB HEM F . -1.98 1.07 -14.80
NC HEM F . -3.76 3.21 -15.67
ND HEM F . -1.86 5.16 -14.50
FE HEM F . -2.07 3.09 -14.47
HHB HEM F . 0.78 -0.19 -13.61
HHC HEM F . -4.81 0.20 -16.23
HHD HEM F . -4.50 6.39 -16.01
HMA HEM F . 2.50 0.23 -12.36
HMAA HEM F . 2.97 1.30 -11.26
HMAB HEM F . 3.65 1.28 -12.72
HAA HEM F . 3.13 3.77 -11.08
HAAA HEM F . 2.63 5.12 -11.72
HBA HEM F . 3.96 4.66 -13.64
HBAA HEM F . 4.52 3.36 -12.91
HMB HEM F . 0.15 -2.50 -15.06
HMBA HEM F . -1.24 -3.25 -14.99
HMBB HEM F . -0.58 -2.70 -13.67
HAB HEM F . -4.26 -1.78 -16.66
HBB HEM F . -4.36 -3.91 -15.82
HBBA HEM F . -3.14 -3.54 -14.72
HMC HEM F . -7.97 2.37 -16.59
HMCA HEM F . -7.37 1.17 -15.73
HMCB HEM F . -7.06 1.27 -17.29
HAC HEM F . -7.89 4.54 -16.65
HBC HEM F . -7.72 6.77 -16.23
HBCA HEM F . -6.12 6.55 -15.74
HMD HEM F . -2.39 9.41 -15.01
HMDA HEM F . -3.82 8.70 -14.94
HMDB HEM F . -2.97 8.66 -16.30
HAD HEM F . -0.16 9.14 -14.41
HADA HEM F . 0.77 8.11 -13.66
HBD HEM F . -0.74 8.14 -11.81
HBDA HEM F . -1.62 9.22 -12.56
HHA HEM F . 0.91 6.02 -12.92
C1 E8T G . 4.06 6.64 -19.59
C2 E8T G . 2.77 5.94 -20.04
C3 E8T G . 4.75 7.51 -20.60
C4 E8T G . 1.72 6.90 -20.64
C6 E8T G . 0.98 9.92 -21.30
O5 E8T G . 1.35 9.38 -22.33
C7 E8T G . 0.95 9.22 -20.00
C8 E8T G . 1.24 7.96 -19.70
C9 E8T G . 2.14 12.53 -22.71
C10 E8T G . 0.73 12.05 -22.46
N11 E8T G . 0.64 11.21 -21.27
C12 E8T G . 2.62 13.41 -21.58
C13 E8T G . 5.31 9.73 -21.58
C14 E8T G . 4.70 8.82 -20.65
C15 E8T G . 5.50 11.95 -22.70
C16 E8T G . 5.08 11.08 -21.59
N17 E8T G . 4.91 13.12 -22.48
C18 E8T G . 4.09 13.22 -21.29
C19 E8T G . 4.42 11.87 -20.63
O20 E8T G . 6.21 11.72 -23.67
O21 E8T G . 4.10 11.60 -19.50
C22 E8T G . 2.22 5.16 -18.83
C23 E8T G . 3.31 4.20 -18.30
C24 E8T G . 4.59 4.91 -17.86
C25 E8T G . 5.16 5.76 -18.98
C26 E8T G . 1.09 4.20 -19.13
C27 E8T G . 1.03 3.38 -17.83
C28 E8T G . 2.48 3.37 -17.29
C29 E8T G . 0.68 1.90 -18.04
C30 E8T G . 1.55 1.22 -16.97
C31 E8T G . 2.93 1.89 -17.18
O32 E8T G . 5.58 3.98 -17.44
C33 E8T G . 3.89 1.65 -16.03
C34 E8T G . 1.45 -0.29 -17.01
O35 E8T G . 6.16 9.21 -22.46
C36 E8T G . 1.99 -0.90 -18.23
HC1 E8T G . 3.69 7.32 -18.82
HC2 E8T G . 2.99 5.23 -20.84
HC3 E8T G . 5.33 6.97 -21.35
HC4A E8T G . 2.12 7.36 -21.54
HC4B E8T G . 0.86 6.33 -21.00
HC7 E8T G . 0.63 9.84 -19.16
HC8 E8T G . 1.14 7.63 -18.66
HC9A E8T G . 2.82 11.70 -22.86
HC9B E8T G . 2.20 13.06 -23.66
H10A E8T G . 0.37 11.49 -23.32
H10B E8T G . 0.06 12.90 -22.35
HN11 E8T G . 0.31 11.64 -20.42
H12B E8T G . 2.02 13.21 -20.68
H12A E8T G . 2.39 14.45 -21.80
HC14 E8T G . 4.12 9.36 -19.91
HN17 E8T G . 5.02 13.93 -23.10
HC18 E8T G . 4.44 14.05 -20.70
HC22 E8T G . 1.93 5.88 -18.07
HC23 E8T G . 3.66 3.52 -19.08
HC24 E8T G . 4.33 5.56 -17.02
H25B E8T G . 5.99 6.36 -18.64
H25A E8T G . 5.60 5.11 -19.76
H26B E8T G . 0.15 4.70 -19.34
H26A E8T G . 1.26 3.57 -20.00
HC27 E8T G . 0.37 3.86 -17.11
HC28 E8T G . 2.49 3.83 -16.31
H29B E8T G . -0.38 1.70 -17.90
H29A E8T G . 0.90 1.55 -19.05
HC30 E8T G . 1.25 1.52 -15.97
HC31 E8T G . 3.42 1.53 -18.08
HO32 E8T G . 6.36 4.53 -17.11
H33C E8T G . 4.82 2.19 -16.17
H33B E8T G . 3.47 1.95 -15.08
H33A E8T G . 4.15 0.59 -15.95
H34B E8T G . 0.40 -0.57 -16.87
H34A E8T G . 1.95 -0.69 -16.12
HO35 E8T G . 6.25 8.23 -22.35
H36C E8T G . 2.96 -0.46 -18.48
H36A E8T G . 2.13 -1.97 -18.10
H36B E8T G . 1.32 -0.75 -19.06
#